data_3AE7
#
_entry.id   3AE7
#
_cell.length_a   71.175
_cell.length_b   83.988
_cell.length_c   293.691
_cell.angle_alpha   90.000
_cell.angle_beta   90.000
_cell.angle_gamma   90.000
#
_symmetry.space_group_name_H-M   'P 21 21 21'
#
loop_
_entity.id
_entity.type
_entity.pdbx_description
1 polymer 'Succinate dehydrogenase [ubiquinone] flavoprotein subunit, mitochondrial'
2 polymer 'Succinate dehydrogenase [ubiquinone] iron-sulfur subunit, mitochondrial'
3 polymer 'Succinate dehydrogenase cytochrome b560 subunit, mitochondrial'
4 polymer 'Succinate dehydrogenase [ubiquinone] cytochrome b small subunit, mitochondrial'
5 non-polymer 'FLAVIN-ADENINE DINUCLEOTIDE'
6 non-polymer 'FE2/S2 (INORGANIC) CLUSTER'
7 non-polymer 'IRON/SULFUR CLUSTER'
8 non-polymer 'FE3-S4 CLUSTER'
9 non-polymer 2-iodo-N-[3-(1-methylethoxy)phenyl]benzamide
10 non-polymer 'PROTOPORPHYRIN IX CONTAINING FE'
#
loop_
_entity_poly.entity_id
_entity_poly.type
_entity_poly.pdbx_seq_one_letter_code
_entity_poly.pdbx_strand_id
1 'polypeptide(L)'
;SSAKVSDAISTQYPVVDHEFDAVVVGAGGAGLRAAFGLSEAGFNTACVTKLFPTRSHTVAAQGGINAALGNMEEDNWRWH
FYDTVKGSDWLGDQDAIHYMTEQAPASVVELENYGMPFSRTEDGKIYQRAFGGQSLKFGKGGQAHRCCCVADRTGHSLLH
TLYGRSLRYDTSYFVEYFALDLLMENGECRGVIALCIEDGSIHRIRARNTVVATGGYGRTYFSCTSAHTSTGDGTAMVTR
AGLPCQDLEFVQFHPTGIYGAGCLITEGCRGEGGILINSQGERFMERYAPVAKDLASRDVVSRSMTLEIREGRGCGPEKD
HVYLQLHHLPPEQLAVRLPGISETAMIFAGVDVTKEPIPVLPTVHYNMGGIPTNYKGQVLRHVNGQDQVVPGLYACGEAA
CASVHGANRLGANSLLDLVVFGRACALSIAESCRPGDKVPSIKPNAGEESVMNLDKLRFANGTIRTSELRLSMQKSMQSH
AAVFRVGSVLQEGCEKILRLYGDLQHLKTFDRGMVWNTDLVETLELQNLMLCALQTIYGAEARKESRGAHAREDFKERVD
EYDYSKPIQGQQKKPFQEHWRKHTLSYVDVKTGKVSLEYRPVIDKTLNEADCATVPPAIRSY
;
A
2 'polypeptide(L)'
;AQTAAATAPRIKKFAIYRWDPDKTGDKPHMQTYEIDLNNCGPMVLDALIKIKNEIDSTLTFRRSCREGICGSCAMNINGG
NTLACTRRIDTNLDKVSKIYPLPHMYVIKDLVPDLSNFYAQYKSIEPYLKKKDESQEGKQQYLQSIEEREKLDGLYECIL
CACCSTSCPSYWWNGDKYLGPAVLMQAYRWMIDSRDDFTEERLAKLQDPFSLYRCHTIMNCTGTCPKGLNPGKAIAEIKK
MMATYKEKKASA
;
B
3 'polypeptide(L)'
;LGTTAKEEMERFWNKNLGSNRPLSPHITIYRWSLPMAMSICHRGTGIALSAGVSLFGLSALLLPGNFESHLELVKSLCLG
PTLIYTAKFGIVFPLMYHTWNGIRHLIWDLGKGLTIPQLTQSGVVVLILTVLSSVGLAAM
;
C
4 'polypeptide(L)'
;ASSKAASLHWTGERVVSVLLLGLLPAAYLNPCSAMDYSLAAALTLHGHWGIGQVVTDYVRGDALQKAAKAGLLALSAFTF
AGLCYFNYHDVGICKAVAMLWKL
;
D
#
# COMPACT_ATOMS: atom_id res chain seq x y z
N SER A 10 26.73 -6.69 23.10
CA SER A 10 27.48 -6.63 24.39
C SER A 10 27.81 -5.18 24.78
N THR A 11 27.06 -4.65 25.73
CA THR A 11 27.21 -3.27 26.25
C THR A 11 26.88 -2.18 25.19
N GLN A 12 27.00 -2.56 23.92
CA GLN A 12 26.68 -1.67 22.80
C GLN A 12 25.22 -1.80 22.40
N TYR A 13 24.73 -3.04 22.37
CA TYR A 13 23.34 -3.33 22.00
C TYR A 13 22.48 -3.58 23.24
N PRO A 14 21.32 -2.88 23.33
CA PRO A 14 20.42 -3.07 24.46
C PRO A 14 19.40 -4.18 24.22
N VAL A 15 19.50 -5.24 25.03
CA VAL A 15 18.58 -6.39 24.92
C VAL A 15 17.29 -6.15 25.71
N VAL A 16 16.16 -6.30 25.04
CA VAL A 16 14.84 -6.12 25.66
C VAL A 16 14.00 -7.37 25.46
N ASP A 17 13.62 -8.02 26.57
CA ASP A 17 12.81 -9.24 26.54
C ASP A 17 11.32 -8.92 26.55
N HIS A 18 10.58 -9.54 25.64
CA HIS A 18 9.13 -9.38 25.57
C HIS A 18 8.45 -10.72 25.86
N GLU A 19 7.38 -10.68 26.64
CA GLU A 19 6.67 -11.90 27.04
C GLU A 19 5.27 -11.95 26.43
N PHE A 20 5.03 -12.97 25.61
CA PHE A 20 3.74 -13.15 24.92
C PHE A 20 3.29 -14.61 24.91
N ASP A 21 2.07 -14.85 24.46
CA ASP A 21 1.53 -16.20 24.30
C ASP A 21 1.91 -16.78 22.94
N ALA A 22 1.94 -15.92 21.93
CA ALA A 22 2.27 -16.32 20.56
C ALA A 22 2.92 -15.18 19.78
N VAL A 23 3.86 -15.53 18.91
CA VAL A 23 4.53 -14.56 18.03
C VAL A 23 4.29 -14.95 16.57
N VAL A 24 3.81 -14.01 15.77
CA VAL A 24 3.62 -14.25 14.34
C VAL A 24 4.53 -13.34 13.52
N VAL A 25 5.54 -13.92 12.87
CA VAL A 25 6.44 -13.18 11.99
C VAL A 25 5.82 -13.12 10.59
N GLY A 26 5.30 -11.95 10.26
CA GLY A 26 4.62 -11.75 8.98
C GLY A 26 3.36 -10.92 9.16
N ALA A 27 3.27 -9.83 8.40
CA ALA A 27 2.12 -8.93 8.48
C ALA A 27 1.27 -8.97 7.21
N GLY A 28 1.64 -9.83 6.28
CA GLY A 28 0.88 -10.01 5.05
C GLY A 28 -0.08 -11.18 5.12
N GLY A 29 -1.26 -10.99 4.54
CA GLY A 29 -2.28 -12.03 4.40
C GLY A 29 -2.27 -13.17 5.40
N ALA A 30 -1.39 -14.14 5.18
CA ALA A 30 -1.27 -15.33 6.03
C ALA A 30 -0.91 -14.98 7.47
N GLY A 31 0.22 -14.30 7.65
CA GLY A 31 0.68 -13.88 8.96
C GLY A 31 -0.30 -12.98 9.67
N LEU A 32 -0.90 -12.07 8.90
CA LEU A 32 -1.89 -11.14 9.42
C LEU A 32 -3.15 -11.86 9.90
N ARG A 33 -3.62 -12.83 9.11
CA ARG A 33 -4.79 -13.63 9.48
C ARG A 33 -4.49 -14.51 10.69
N ALA A 34 -3.27 -15.01 10.77
CA ALA A 34 -2.81 -15.81 11.91
C ALA A 34 -2.64 -14.96 13.17
N ALA A 35 -2.27 -13.70 12.99
CA ALA A 35 -2.04 -12.78 14.11
C ALA A 35 -3.32 -12.45 14.88
N PHE A 36 -4.29 -11.83 14.19
CA PHE A 36 -5.55 -11.44 14.83
C PHE A 36 -6.49 -12.62 15.05
N GLY A 37 -6.26 -13.71 14.31
CA GLY A 37 -7.00 -14.95 14.48
C GLY A 37 -6.74 -15.57 15.85
N LEU A 38 -5.50 -15.43 16.32
CA LEU A 38 -5.12 -15.85 17.66
C LEU A 38 -5.67 -14.89 18.72
N SER A 39 -5.67 -13.61 18.39
CA SER A 39 -6.20 -12.58 19.28
C SER A 39 -7.71 -12.70 19.46
N GLU A 40 -8.39 -13.16 18.41
CA GLU A 40 -9.83 -13.43 18.46
C GLU A 40 -10.11 -14.64 19.35
N ALA A 41 -9.19 -15.61 19.33
CA ALA A 41 -9.30 -16.82 20.15
C ALA A 41 -9.08 -16.53 21.63
N GLY A 42 -8.36 -15.45 21.93
CA GLY A 42 -8.11 -15.02 23.30
C GLY A 42 -6.66 -15.13 23.73
N PHE A 43 -5.75 -14.91 22.78
CA PHE A 43 -4.31 -14.99 23.04
C PHE A 43 -3.66 -13.62 22.96
N ASN A 44 -2.66 -13.40 23.81
CA ASN A 44 -1.83 -12.20 23.75
C ASN A 44 -0.78 -12.36 22.64
N THR A 45 -1.14 -11.91 21.45
CA THR A 45 -0.34 -12.17 20.25
C THR A 45 0.52 -10.98 19.85
N ALA A 46 1.79 -11.25 19.58
CA ALA A 46 2.72 -10.26 19.05
C ALA A 46 2.96 -10.51 17.56
N CYS A 47 3.09 -9.43 16.79
CA CYS A 47 3.33 -9.54 15.36
C CYS A 47 4.59 -8.79 14.94
N VAL A 48 5.68 -9.54 14.78
CA VAL A 48 6.96 -8.98 14.36
C VAL A 48 6.98 -8.85 12.83
N THR A 49 7.23 -7.64 12.35
CA THR A 49 7.32 -7.41 10.92
C THR A 49 8.26 -6.26 10.60
N LYS A 50 9.03 -6.45 9.54
CA LYS A 50 10.01 -5.47 9.08
C LYS A 50 9.37 -4.35 8.26
N LEU A 51 8.21 -4.64 7.68
CA LEU A 51 7.43 -3.66 6.92
C LEU A 51 6.18 -3.28 7.69
N PHE A 52 5.50 -2.24 7.23
CA PHE A 52 4.15 -1.95 7.71
C PHE A 52 3.20 -2.94 7.04
N PRO A 53 2.24 -3.50 7.79
CA PRO A 53 1.28 -4.49 7.31
C PRO A 53 0.74 -4.25 5.89
N THR A 54 0.48 -3.00 5.53
CA THR A 54 -0.02 -2.67 4.19
C THR A 54 1.09 -2.77 3.13
N ARG A 55 2.31 -2.43 3.52
CA ARG A 55 3.46 -2.45 2.60
C ARG A 55 3.88 -3.87 2.22
N SER A 56 3.21 -4.87 2.80
CA SER A 56 3.47 -6.28 2.51
C SER A 56 3.16 -6.63 1.05
N HIS A 57 3.67 -7.74 0.55
CA HIS A 57 3.48 -8.05 -0.85
C HIS A 57 2.11 -8.44 -1.31
N THR A 58 1.35 -8.96 -0.38
CA THR A 58 0.08 -9.63 -0.74
C THR A 58 -0.73 -8.54 -1.47
N VAL A 59 -0.32 -7.29 -1.31
CA VAL A 59 -0.91 -6.15 -2.02
C VAL A 59 -0.73 -6.29 -3.54
N ALA A 60 0.44 -6.74 -3.96
CA ALA A 60 0.77 -6.87 -5.38
C ALA A 60 -0.06 -7.91 -6.13
N ALA A 61 -0.91 -8.63 -5.40
CA ALA A 61 -1.81 -9.62 -6.00
C ALA A 61 -2.92 -8.95 -6.79
N GLN A 62 -3.10 -9.39 -8.03
CA GLN A 62 -3.99 -8.73 -8.97
C GLN A 62 -5.09 -9.66 -9.51
N GLY A 63 -4.76 -10.94 -9.66
CA GLY A 63 -5.68 -11.93 -10.24
C GLY A 63 -6.95 -12.16 -9.44
N GLY A 64 -6.81 -12.84 -8.31
CA GLY A 64 -7.96 -13.11 -7.44
C GLY A 64 -7.72 -14.17 -6.39
N ILE A 65 -8.82 -14.68 -5.84
CA ILE A 65 -8.79 -15.69 -4.78
C ILE A 65 -9.81 -16.79 -5.10
N ASN A 66 -9.38 -18.04 -5.03
CA ASN A 66 -10.21 -19.18 -5.46
C ASN A 66 -11.19 -19.71 -4.42
N ALA A 67 -12.45 -19.82 -4.82
CA ALA A 67 -13.52 -20.37 -3.99
C ALA A 67 -14.64 -20.92 -4.86
N ALA A 68 -15.05 -22.15 -4.60
CA ALA A 68 -16.13 -22.78 -5.35
C ALA A 68 -17.51 -22.43 -4.77
N LEU A 69 -17.85 -21.15 -4.85
CA LEU A 69 -19.11 -20.64 -4.30
C LEU A 69 -20.30 -20.99 -5.18
N GLY A 70 -20.05 -21.15 -6.48
CA GLY A 70 -21.09 -21.46 -7.45
C GLY A 70 -21.95 -20.25 -7.77
N ASN A 71 -21.28 -19.17 -8.20
CA ASN A 71 -21.96 -17.91 -8.51
C ASN A 71 -22.15 -17.67 -10.00
N MET A 72 -21.23 -18.17 -10.81
CA MET A 72 -21.33 -18.09 -12.27
C MET A 72 -22.08 -19.32 -12.79
N GLU A 73 -21.44 -20.47 -12.68
CA GLU A 73 -22.07 -21.77 -12.94
C GLU A 73 -22.09 -22.56 -11.63
N GLU A 74 -22.87 -23.64 -11.58
CA GLU A 74 -22.90 -24.48 -10.38
C GLU A 74 -21.60 -25.28 -10.23
N ASP A 75 -20.93 -25.09 -9.10
CA ASP A 75 -19.58 -25.61 -8.90
C ASP A 75 -19.51 -26.53 -7.68
N ASN A 76 -18.45 -27.33 -7.63
CA ASN A 76 -18.17 -28.20 -6.49
C ASN A 76 -16.72 -28.04 -6.06
N TRP A 77 -16.51 -27.93 -4.75
CA TRP A 77 -15.16 -27.73 -4.19
C TRP A 77 -14.25 -28.94 -4.43
N ARG A 78 -14.86 -30.08 -4.73
CA ARG A 78 -14.13 -31.31 -5.05
C ARG A 78 -13.56 -31.26 -6.47
N TRP A 79 -14.18 -30.45 -7.33
CA TRP A 79 -13.64 -30.19 -8.67
C TRP A 79 -12.46 -29.24 -8.59
N HIS A 80 -12.48 -28.36 -7.59
CA HIS A 80 -11.37 -27.46 -7.28
C HIS A 80 -10.22 -28.24 -6.64
N PHE A 81 -10.57 -29.34 -5.95
CA PHE A 81 -9.61 -30.26 -5.38
C PHE A 81 -8.78 -30.95 -6.48
N TYR A 82 -9.47 -31.37 -7.55
CA TYR A 82 -8.82 -32.06 -8.66
C TYR A 82 -7.88 -31.14 -9.45
N ASP A 83 -8.28 -29.89 -9.62
CA ASP A 83 -7.49 -28.92 -10.37
C ASP A 83 -6.19 -28.55 -9.65
N THR A 84 -6.27 -28.50 -8.32
CA THR A 84 -5.10 -28.16 -7.50
C THR A 84 -4.13 -29.33 -7.41
N VAL A 85 -4.66 -30.56 -7.41
CA VAL A 85 -3.81 -31.76 -7.34
C VAL A 85 -3.22 -32.15 -8.70
N LYS A 86 -3.97 -31.91 -9.78
CA LYS A 86 -3.46 -32.14 -11.13
C LYS A 86 -2.44 -31.06 -11.49
N GLY A 87 -2.67 -29.84 -11.01
CA GLY A 87 -1.74 -28.74 -11.18
C GLY A 87 -0.43 -28.94 -10.44
N SER A 88 -0.51 -29.64 -9.30
CA SER A 88 0.66 -29.92 -8.47
C SER A 88 1.55 -31.04 -9.03
N ASP A 89 1.10 -31.64 -10.13
CA ASP A 89 1.83 -32.73 -10.81
C ASP A 89 2.08 -33.93 -9.88
N TRP A 90 1.14 -34.15 -8.97
CA TRP A 90 1.18 -35.24 -7.98
C TRP A 90 2.42 -35.26 -7.08
N LEU A 91 2.91 -34.07 -6.75
CA LEU A 91 3.86 -33.89 -5.66
C LEU A 91 3.11 -33.24 -4.50
N GLY A 92 1.93 -32.71 -4.80
CA GLY A 92 1.09 -32.03 -3.82
C GLY A 92 0.49 -32.96 -2.78
N ASP A 93 0.58 -32.54 -1.52
CA ASP A 93 0.03 -33.29 -0.40
C ASP A 93 -1.50 -33.16 -0.39
N GLN A 94 -2.17 -34.27 -0.66
CA GLN A 94 -3.63 -34.28 -0.86
C GLN A 94 -4.43 -34.07 0.42
N ASP A 95 -3.81 -34.28 1.58
CA ASP A 95 -4.44 -34.01 2.86
C ASP A 95 -4.60 -32.50 3.08
N ALA A 96 -3.64 -31.74 2.57
CA ALA A 96 -3.66 -30.28 2.64
C ALA A 96 -4.60 -29.69 1.59
N ILE A 97 -4.59 -30.27 0.39
CA ILE A 97 -5.45 -29.83 -0.71
C ILE A 97 -6.93 -30.03 -0.36
N HIS A 98 -7.23 -31.13 0.31
CA HIS A 98 -8.57 -31.39 0.85
C HIS A 98 -8.96 -30.26 1.81
N TYR A 99 -8.08 -29.99 2.77
CA TYR A 99 -8.34 -28.99 3.82
C TYR A 99 -8.48 -27.57 3.28
N MET A 100 -7.74 -27.26 2.21
CA MET A 100 -7.78 -25.93 1.61
C MET A 100 -9.04 -25.70 0.77
N THR A 101 -9.39 -26.68 -0.06
CA THR A 101 -10.53 -26.58 -0.97
C THR A 101 -11.89 -26.65 -0.27
N GLU A 102 -11.94 -27.35 0.87
CA GLU A 102 -13.15 -27.43 1.68
C GLU A 102 -13.37 -26.13 2.45
N GLN A 103 -12.28 -25.55 2.95
CA GLN A 103 -12.33 -24.28 3.68
C GLN A 103 -12.31 -23.09 2.71
N ALA A 104 -12.22 -23.38 1.41
CA ALA A 104 -12.16 -22.34 0.37
C ALA A 104 -13.38 -21.41 0.33
N PRO A 105 -14.61 -21.97 0.23
CA PRO A 105 -15.78 -21.09 0.17
C PRO A 105 -16.08 -20.43 1.51
N ALA A 106 -15.74 -21.11 2.60
CA ALA A 106 -15.98 -20.60 3.95
C ALA A 106 -15.13 -19.37 4.26
N SER A 107 -13.85 -19.39 3.83
CA SER A 107 -12.91 -18.31 4.10
C SER A 107 -13.17 -17.05 3.27
N VAL A 108 -13.63 -17.23 2.03
CA VAL A 108 -13.93 -16.11 1.13
C VAL A 108 -15.21 -15.41 1.58
N VAL A 109 -16.23 -16.18 1.92
CA VAL A 109 -17.47 -15.66 2.49
C VAL A 109 -17.18 -14.87 3.77
N GLU A 110 -16.24 -15.37 4.56
CA GLU A 110 -15.75 -14.69 5.76
C GLU A 110 -15.08 -13.35 5.40
N LEU A 111 -14.21 -13.37 4.39
CA LEU A 111 -13.51 -12.18 3.93
C LEU A 111 -14.45 -11.09 3.42
N GLU A 112 -15.53 -11.50 2.74
CA GLU A 112 -16.53 -10.59 2.23
C GLU A 112 -17.28 -9.91 3.38
N ASN A 113 -17.54 -10.66 4.44
CA ASN A 113 -18.20 -10.14 5.64
C ASN A 113 -17.28 -9.27 6.48
N TYR A 114 -15.97 -9.46 6.32
CA TYR A 114 -14.96 -8.64 6.98
C TYR A 114 -14.92 -7.22 6.42
N GLY A 115 -15.13 -7.11 5.11
CA GLY A 115 -15.20 -5.79 4.46
C GLY A 115 -14.61 -5.72 3.06
N MET A 116 -14.17 -6.86 2.54
CA MET A 116 -13.55 -6.93 1.22
C MET A 116 -14.56 -6.66 0.11
N PRO A 117 -14.40 -5.52 -0.60
CA PRO A 117 -15.37 -5.08 -1.60
C PRO A 117 -15.22 -5.82 -2.94
N PHE A 118 -15.61 -7.08 -2.96
CA PHE A 118 -15.58 -7.90 -4.17
C PHE A 118 -16.44 -7.30 -5.28
N SER A 119 -16.03 -7.54 -6.52
CA SER A 119 -16.82 -7.16 -7.69
C SER A 119 -18.12 -7.96 -7.73
N ARG A 120 -19.15 -7.39 -8.32
CA ARG A 120 -20.50 -7.97 -8.26
C ARG A 120 -21.10 -8.29 -9.61
N THR A 121 -22.09 -9.18 -9.61
CA THR A 121 -22.84 -9.54 -10.82
C THR A 121 -24.30 -9.08 -10.74
N GLU A 122 -25.12 -9.56 -11.66
CA GLU A 122 -26.55 -9.22 -11.70
C GLU A 122 -27.30 -9.74 -10.47
N ASP A 123 -26.88 -10.90 -9.97
CA ASP A 123 -27.44 -11.48 -8.75
C ASP A 123 -27.05 -10.68 -7.51
N GLY A 124 -25.87 -10.08 -7.55
CA GLY A 124 -25.33 -9.31 -6.43
C GLY A 124 -24.26 -10.06 -5.67
N LYS A 125 -23.96 -11.27 -6.13
CA LYS A 125 -22.97 -12.14 -5.50
C LYS A 125 -21.56 -11.85 -5.99
N ILE A 126 -20.57 -12.50 -5.35
CA ILE A 126 -19.16 -12.28 -5.66
C ILE A 126 -18.81 -12.74 -7.09
N TYR A 127 -18.21 -11.83 -7.85
CA TYR A 127 -17.84 -12.08 -9.25
C TYR A 127 -16.66 -13.03 -9.37
N GLN A 128 -16.92 -14.19 -9.97
CA GLN A 128 -15.89 -15.17 -10.28
C GLN A 128 -15.58 -15.13 -11.77
N ARG A 129 -14.37 -15.50 -12.15
CA ARG A 129 -13.99 -15.57 -13.57
C ARG A 129 -12.92 -16.63 -13.84
N ALA A 130 -12.85 -17.08 -15.10
CA ALA A 130 -11.91 -18.12 -15.53
C ALA A 130 -10.47 -17.77 -15.21
N PHE A 131 -9.69 -18.78 -14.84
CA PHE A 131 -8.27 -18.61 -14.52
C PHE A 131 -7.46 -19.83 -14.98
N GLY A 132 -6.15 -19.77 -14.75
CA GLY A 132 -5.20 -20.76 -15.28
C GLY A 132 -5.40 -22.20 -14.85
N GLY A 133 -5.80 -23.04 -15.81
CA GLY A 133 -5.86 -24.50 -15.65
C GLY A 133 -6.89 -25.02 -14.65
N GLN A 134 -8.11 -24.49 -14.73
CA GLN A 134 -9.19 -24.92 -13.84
C GLN A 134 -10.39 -25.43 -14.62
N SER A 135 -11.00 -26.51 -14.13
CA SER A 135 -12.02 -27.24 -14.87
C SER A 135 -13.22 -27.68 -14.03
N LEU A 136 -14.30 -28.05 -14.71
CA LEU A 136 -15.51 -28.57 -14.08
C LEU A 136 -15.60 -30.09 -14.24
N LYS A 137 -16.37 -30.73 -13.36
CA LYS A 137 -16.63 -32.17 -13.41
C LYS A 137 -15.36 -33.04 -13.40
N PHE A 138 -14.41 -32.67 -12.52
CA PHE A 138 -13.12 -33.35 -12.39
C PHE A 138 -12.30 -33.35 -13.70
N GLY A 139 -12.43 -32.30 -14.48
CA GLY A 139 -11.71 -32.17 -15.75
C GLY A 139 -12.43 -32.75 -16.95
N LYS A 140 -13.76 -32.67 -16.94
CA LYS A 140 -14.58 -33.22 -18.01
C LYS A 140 -15.60 -32.21 -18.53
N GLY A 141 -15.83 -31.13 -17.77
CA GLY A 141 -16.86 -30.16 -18.09
C GLY A 141 -16.39 -28.78 -18.50
N GLY A 142 -15.25 -28.72 -19.20
CA GLY A 142 -14.75 -27.47 -19.76
C GLY A 142 -13.96 -26.60 -18.81
N GLN A 143 -14.26 -25.30 -18.81
CA GLN A 143 -13.54 -24.32 -17.99
C GLN A 143 -14.36 -23.88 -16.78
N ALA A 144 -13.71 -23.82 -15.62
CA ALA A 144 -14.36 -23.46 -14.36
C ALA A 144 -14.19 -21.97 -14.03
N HIS A 145 -15.25 -21.39 -13.49
CA HIS A 145 -15.26 -19.98 -13.10
C HIS A 145 -15.46 -19.86 -11.59
N ARG A 146 -14.36 -19.81 -10.85
CA ARG A 146 -14.40 -19.77 -9.39
C ARG A 146 -13.39 -18.78 -8.78
N CYS A 147 -12.66 -18.08 -9.64
CA CYS A 147 -11.68 -17.09 -9.19
C CYS A 147 -12.36 -15.78 -8.79
N CYS A 148 -12.60 -15.63 -7.49
CA CYS A 148 -13.23 -14.43 -6.93
C CYS A 148 -12.24 -13.27 -6.95
N CYS A 149 -12.65 -12.15 -7.51
CA CYS A 149 -11.75 -11.01 -7.68
C CYS A 149 -12.34 -9.66 -7.26
N VAL A 150 -11.46 -8.73 -6.92
CA VAL A 150 -11.82 -7.33 -6.67
C VAL A 150 -11.25 -6.47 -7.81
N ALA A 151 -11.64 -6.82 -9.03
CA ALA A 151 -11.28 -6.09 -10.25
C ALA A 151 -9.81 -5.67 -10.35
N ASP A 152 -8.94 -6.65 -10.60
CA ASP A 152 -7.51 -6.42 -10.85
C ASP A 152 -6.70 -5.89 -9.66
N ARG A 153 -7.38 -5.58 -8.56
CA ARG A 153 -6.73 -5.14 -7.34
C ARG A 153 -7.25 -5.94 -6.14
N THR A 154 -7.13 -7.26 -6.24
CA THR A 154 -7.71 -8.17 -5.25
C THR A 154 -6.87 -8.28 -4.00
N GLY A 155 -5.56 -8.44 -4.17
CA GLY A 155 -4.63 -8.59 -3.05
C GLY A 155 -4.45 -7.30 -2.27
N HIS A 156 -4.48 -6.18 -2.99
CA HIS A 156 -4.47 -4.86 -2.36
C HIS A 156 -5.69 -4.70 -1.46
N SER A 157 -6.84 -5.09 -1.99
CA SER A 157 -8.11 -5.03 -1.26
C SER A 157 -8.18 -6.09 -0.16
N LEU A 158 -7.47 -7.20 -0.36
CA LEU A 158 -7.40 -8.27 0.63
C LEU A 158 -6.64 -7.81 1.87
N LEU A 159 -5.42 -7.34 1.67
CA LEU A 159 -4.54 -6.95 2.75
C LEU A 159 -5.11 -5.80 3.58
N HIS A 160 -5.72 -4.83 2.91
CA HIS A 160 -6.32 -3.67 3.57
C HIS A 160 -7.50 -4.06 4.46
N THR A 161 -8.40 -4.89 3.96
CA THR A 161 -9.59 -5.31 4.70
C THR A 161 -9.26 -6.37 5.76
N LEU A 162 -8.14 -7.06 5.59
CA LEU A 162 -7.60 -7.94 6.63
C LEU A 162 -6.94 -7.15 7.74
N TYR A 163 -6.17 -6.12 7.35
CA TYR A 163 -5.53 -5.23 8.31
C TYR A 163 -6.57 -4.38 9.04
N GLY A 164 -7.51 -3.85 8.28
CA GLY A 164 -8.61 -3.05 8.83
C GLY A 164 -9.38 -3.79 9.92
N ARG A 165 -9.62 -5.07 9.68
CA ARG A 165 -10.33 -5.92 10.65
C ARG A 165 -9.42 -6.27 11.84
N SER A 166 -8.11 -6.25 11.62
CA SER A 166 -7.15 -6.64 12.66
C SER A 166 -6.93 -5.58 13.74
N LEU A 167 -7.37 -4.35 13.47
CA LEU A 167 -7.31 -3.27 14.46
C LEU A 167 -8.32 -3.45 15.60
N ARG A 168 -9.27 -4.37 15.40
CA ARG A 168 -10.35 -4.62 16.35
C ARG A 168 -9.90 -5.33 17.62
N TYR A 169 -8.77 -6.04 17.54
CA TYR A 169 -8.29 -6.87 18.64
C TYR A 169 -6.96 -6.36 19.20
N ASP A 170 -6.72 -6.68 20.48
CA ASP A 170 -5.50 -6.24 21.18
C ASP A 170 -4.26 -6.99 20.73
N THR A 171 -3.76 -6.65 19.55
CA THR A 171 -2.56 -7.26 18.99
C THR A 171 -1.40 -6.27 19.04
N SER A 172 -0.27 -6.71 19.59
CA SER A 172 0.93 -5.88 19.68
C SER A 172 1.79 -6.01 18.43
N TYR A 173 1.71 -5.00 17.57
CA TYR A 173 2.45 -5.00 16.31
C TYR A 173 3.84 -4.37 16.45
N PHE A 174 4.87 -5.18 16.25
CA PHE A 174 6.24 -4.68 16.20
C PHE A 174 6.55 -4.26 14.77
N VAL A 175 6.06 -3.08 14.40
CA VAL A 175 6.22 -2.55 13.04
C VAL A 175 7.66 -2.07 12.81
N GLU A 176 8.23 -2.47 11.67
CA GLU A 176 9.62 -2.20 11.31
C GLU A 176 10.62 -2.86 12.28
N TYR A 177 10.50 -4.18 12.40
CA TYR A 177 11.39 -4.99 13.21
C TYR A 177 11.91 -6.14 12.35
N PHE A 178 13.21 -6.12 12.06
CA PHE A 178 13.84 -7.17 11.26
C PHE A 178 14.20 -8.37 12.14
N ALA A 179 13.42 -9.43 12.02
CA ALA A 179 13.65 -10.66 12.76
C ALA A 179 14.91 -11.35 12.25
N LEU A 180 15.82 -11.67 13.18
CA LEU A 180 17.13 -12.21 12.84
C LEU A 180 17.13 -13.73 12.79
N ASP A 181 16.79 -14.36 13.92
CA ASP A 181 16.78 -15.82 14.05
C ASP A 181 15.65 -16.31 14.93
N LEU A 182 15.43 -17.63 14.92
CA LEU A 182 14.49 -18.29 15.82
C LEU A 182 15.15 -18.61 17.15
N LEU A 183 14.51 -18.22 18.24
CA LEU A 183 14.98 -18.57 19.58
C LEU A 183 14.69 -20.05 19.85
N MET A 184 15.74 -20.86 19.86
CA MET A 184 15.61 -22.30 19.96
C MET A 184 16.34 -22.86 21.18
N GLU A 185 15.68 -23.78 21.87
CA GLU A 185 16.28 -24.46 23.03
C GLU A 185 15.84 -25.92 23.05
N ASN A 186 16.81 -26.81 22.87
CA ASN A 186 16.60 -28.27 22.85
C ASN A 186 15.47 -28.71 21.90
N GLY A 187 15.57 -28.27 20.65
CA GLY A 187 14.62 -28.65 19.60
C GLY A 187 13.21 -28.11 19.77
N GLU A 188 13.09 -27.00 20.50
CA GLU A 188 11.80 -26.37 20.75
C GLU A 188 11.88 -24.86 20.55
N CYS A 189 10.91 -24.30 19.83
CA CYS A 189 10.89 -22.87 19.53
C CYS A 189 10.36 -22.07 20.71
N ARG A 190 11.17 -21.12 21.16
CA ARG A 190 10.88 -20.34 22.36
C ARG A 190 10.43 -18.91 22.04
N GLY A 191 10.61 -18.51 20.78
CA GLY A 191 10.25 -17.17 20.34
C GLY A 191 11.13 -16.66 19.23
N VAL A 192 11.23 -15.33 19.12
CA VAL A 192 11.99 -14.68 18.04
C VAL A 192 12.91 -13.59 18.60
N ILE A 193 14.12 -13.54 18.07
CA ILE A 193 15.03 -12.42 18.29
C ILE A 193 14.97 -11.48 17.08
N ALA A 194 14.81 -10.19 17.35
CA ALA A 194 14.59 -9.20 16.29
C ALA A 194 15.37 -7.90 16.49
N LEU A 195 15.66 -7.23 15.38
CA LEU A 195 16.30 -5.91 15.41
C LEU A 195 15.29 -4.82 15.09
N CYS A 196 15.15 -3.87 16.02
CA CYS A 196 14.30 -2.70 15.80
C CYS A 196 15.03 -1.71 14.89
N ILE A 197 14.46 -1.49 13.70
CA ILE A 197 15.06 -0.61 12.69
C ILE A 197 15.05 0.85 13.15
N GLU A 198 14.07 1.22 13.96
CA GLU A 198 13.86 2.60 14.40
C GLU A 198 15.01 3.18 15.23
N ASP A 199 15.57 2.38 16.15
CA ASP A 199 16.63 2.86 17.04
C ASP A 199 17.89 1.99 17.03
N GLY A 200 17.80 0.81 16.41
CA GLY A 200 18.95 -0.09 16.29
C GLY A 200 19.16 -0.99 17.50
N SER A 201 18.08 -1.23 18.25
CA SER A 201 18.13 -2.09 19.44
C SER A 201 17.63 -3.51 19.14
N ILE A 202 18.12 -4.47 19.92
CA ILE A 202 17.76 -5.87 19.72
C ILE A 202 16.72 -6.32 20.75
N HIS A 203 15.64 -6.92 20.24
CA HIS A 203 14.51 -7.34 21.09
C HIS A 203 14.27 -8.85 21.00
N ARG A 204 14.09 -9.48 22.16
CA ARG A 204 13.85 -10.91 22.23
C ARG A 204 12.40 -11.19 22.62
N ILE A 205 11.54 -11.30 21.60
CA ILE A 205 10.11 -11.54 21.81
C ILE A 205 9.87 -13.05 21.94
N ARG A 206 9.72 -13.50 23.19
CA ARG A 206 9.55 -14.92 23.48
C ARG A 206 8.09 -15.31 23.74
N ALA A 207 7.73 -16.52 23.30
CA ALA A 207 6.36 -17.04 23.46
C ALA A 207 6.32 -18.57 23.34
N ARG A 208 5.20 -19.13 23.79
CA ARG A 208 4.97 -20.58 23.77
C ARG A 208 4.85 -21.13 22.34
N ASN A 209 4.44 -20.26 21.41
CA ASN A 209 4.29 -20.62 20.00
C ASN A 209 4.80 -19.52 19.07
N THR A 210 5.25 -19.93 17.89
CA THR A 210 5.80 -19.01 16.89
C THR A 210 5.33 -19.38 15.48
N VAL A 211 4.71 -18.43 14.79
CA VAL A 211 4.23 -18.63 13.42
C VAL A 211 5.13 -17.88 12.44
N VAL A 212 5.49 -18.54 11.33
CA VAL A 212 6.36 -17.95 10.32
C VAL A 212 5.62 -17.74 9.00
N ALA A 213 5.57 -16.49 8.53
CA ALA A 213 4.94 -16.14 7.26
C ALA A 213 5.71 -14.99 6.60
N THR A 214 6.97 -15.25 6.27
CA THR A 214 7.87 -14.21 5.75
C THR A 214 7.83 -14.08 4.23
N GLY A 215 7.05 -14.94 3.58
CA GLY A 215 6.93 -14.91 2.13
C GLY A 215 8.07 -15.59 1.41
N GLY A 216 8.05 -15.54 0.07
CA GLY A 216 9.02 -16.21 -0.77
C GLY A 216 10.36 -15.51 -0.88
N TYR A 217 11.28 -16.15 -1.57
CA TYR A 217 12.64 -15.63 -1.77
C TYR A 217 12.90 -15.29 -3.24
N GLY A 218 11.96 -14.54 -3.82
CA GLY A 218 12.02 -14.18 -5.24
C GLY A 218 13.24 -13.36 -5.65
N ARG A 219 13.81 -12.63 -4.70
CA ARG A 219 14.96 -11.76 -4.95
C ARG A 219 16.29 -12.50 -5.12
N THR A 220 16.23 -13.83 -5.10
CA THR A 220 17.40 -14.67 -5.41
C THR A 220 17.78 -14.56 -6.89
N TYR A 221 16.79 -14.23 -7.71
CA TYR A 221 16.98 -14.09 -9.15
C TYR A 221 17.09 -12.61 -9.57
N PHE A 222 17.55 -12.39 -10.80
CA PHE A 222 17.70 -11.04 -11.33
C PHE A 222 16.37 -10.43 -11.74
N SER A 223 15.61 -11.17 -12.57
CA SER A 223 14.32 -10.71 -13.05
C SER A 223 13.18 -11.45 -12.37
N CYS A 224 12.46 -10.74 -11.50
CA CYS A 224 11.35 -11.31 -10.74
C CYS A 224 10.20 -10.32 -10.59
N THR A 225 9.00 -10.85 -10.38
CA THR A 225 7.80 -10.03 -10.20
C THR A 225 7.64 -9.58 -8.74
N SER A 226 8.33 -10.28 -7.84
CA SER A 226 8.24 -10.02 -6.41
C SER A 226 8.94 -8.72 -5.99
N ALA A 227 8.59 -8.25 -4.79
CA ALA A 227 9.13 -7.01 -4.23
C ALA A 227 10.57 -7.19 -3.75
N HIS A 228 11.24 -6.07 -3.46
CA HIS A 228 12.61 -6.08 -2.95
C HIS A 228 12.71 -6.67 -1.55
N THR A 229 11.59 -6.63 -0.81
CA THR A 229 11.54 -7.16 0.56
C THR A 229 11.17 -8.65 0.62
N SER A 230 10.94 -9.25 -0.54
CA SER A 230 10.70 -10.68 -0.64
C SER A 230 12.04 -11.42 -0.75
N THR A 231 12.71 -11.57 0.38
CA THR A 231 14.06 -12.13 0.43
C THR A 231 14.13 -13.49 1.14
N GLY A 232 12.99 -13.98 1.61
CA GLY A 232 12.91 -15.28 2.27
C GLY A 232 13.74 -15.35 3.53
N ASP A 233 13.37 -14.53 4.53
CA ASP A 233 14.11 -14.44 5.78
C ASP A 233 13.79 -15.59 6.73
N GLY A 234 12.50 -15.88 6.89
CA GLY A 234 12.03 -16.95 7.78
C GLY A 234 12.50 -18.33 7.35
N THR A 235 12.63 -18.53 6.04
CA THR A 235 13.19 -19.76 5.49
C THR A 235 14.65 -19.95 5.91
N ALA A 236 15.38 -18.83 5.97
CA ALA A 236 16.78 -18.83 6.41
C ALA A 236 16.90 -18.98 7.93
N MET A 237 15.90 -18.45 8.65
CA MET A 237 15.84 -18.60 10.11
C MET A 237 15.65 -20.07 10.49
N VAL A 238 14.79 -20.75 9.72
CA VAL A 238 14.57 -22.19 9.86
C VAL A 238 15.83 -22.95 9.42
N THR A 239 16.48 -22.46 8.36
CA THR A 239 17.71 -23.04 7.84
C THR A 239 18.86 -23.00 8.85
N ARG A 240 19.02 -21.85 9.52
CA ARG A 240 20.08 -21.65 10.50
C ARG A 240 19.86 -22.42 11.80
N ALA A 241 18.61 -22.85 12.04
CA ALA A 241 18.24 -23.58 13.24
C ALA A 241 18.47 -25.09 13.11
N GLY A 242 19.01 -25.52 11.98
CA GLY A 242 19.29 -26.94 11.73
C GLY A 242 18.07 -27.72 11.26
N LEU A 243 17.00 -26.99 10.92
CA LEU A 243 15.77 -27.60 10.46
C LEU A 243 15.71 -27.63 8.93
N PRO A 244 15.06 -28.66 8.35
CA PRO A 244 15.03 -28.81 6.89
C PRO A 244 14.10 -27.83 6.18
N CYS A 245 14.37 -27.61 4.90
CA CYS A 245 13.48 -26.85 4.02
C CYS A 245 13.01 -27.75 2.88
N GLN A 246 11.70 -27.69 2.60
CA GLN A 246 11.09 -28.59 1.63
C GLN A 246 10.96 -27.98 0.23
N ASP A 247 11.28 -28.80 -0.78
CA ASP A 247 11.04 -28.49 -2.19
C ASP A 247 11.49 -27.10 -2.64
N LEU A 248 12.74 -26.75 -2.35
CA LEU A 248 13.27 -25.42 -2.65
C LEU A 248 13.67 -25.22 -4.12
N GLU A 249 13.83 -26.31 -4.86
CA GLU A 249 14.20 -26.24 -6.27
C GLU A 249 13.02 -25.84 -7.17
N PHE A 250 11.81 -26.04 -6.67
CA PHE A 250 10.59 -25.72 -7.42
C PHE A 250 10.29 -24.22 -7.36
N VAL A 251 10.54 -23.54 -8.48
CA VAL A 251 10.33 -22.10 -8.59
C VAL A 251 9.42 -21.78 -9.77
N GLN A 252 8.34 -21.03 -9.50
CA GLN A 252 7.35 -20.71 -10.53
C GLN A 252 7.76 -19.55 -11.42
N PHE A 253 7.48 -19.71 -12.71
CA PHE A 253 7.68 -18.65 -13.69
C PHE A 253 6.34 -18.21 -14.26
N HIS A 254 5.87 -17.03 -13.84
CA HIS A 254 4.62 -16.47 -14.33
C HIS A 254 4.77 -16.09 -15.80
N PRO A 255 3.86 -16.60 -16.66
CA PRO A 255 3.92 -16.39 -18.10
C PRO A 255 4.00 -14.92 -18.53
N THR A 256 3.19 -14.07 -17.90
CA THR A 256 3.05 -12.68 -18.33
C THR A 256 3.60 -11.65 -17.34
N GLY A 257 4.52 -10.82 -17.83
CA GLY A 257 5.14 -9.76 -17.04
C GLY A 257 5.93 -8.81 -17.90
N ILE A 258 5.93 -7.52 -17.54
CA ILE A 258 6.60 -6.47 -18.32
C ILE A 258 8.08 -6.80 -18.58
N TYR A 259 8.49 -6.64 -19.83
CA TYR A 259 9.86 -6.92 -20.27
C TYR A 259 10.91 -6.07 -19.55
N GLY A 260 10.56 -4.81 -19.25
CA GLY A 260 11.48 -3.86 -18.62
C GLY A 260 11.78 -4.14 -17.16
N ALA A 261 11.01 -3.50 -16.27
CA ALA A 261 11.22 -3.58 -14.83
C ALA A 261 10.96 -4.97 -14.24
N GLY A 262 10.05 -5.70 -14.86
CA GLY A 262 9.70 -7.06 -14.42
C GLY A 262 8.42 -7.14 -13.63
N CYS A 263 7.61 -6.07 -13.69
CA CYS A 263 6.33 -6.00 -12.99
C CYS A 263 5.33 -6.98 -13.60
N LEU A 264 4.29 -7.31 -12.83
CA LEU A 264 3.33 -8.34 -13.26
C LEU A 264 2.16 -7.79 -14.07
N ILE A 265 1.84 -8.51 -15.15
CA ILE A 265 0.56 -8.39 -15.82
C ILE A 265 -0.16 -9.70 -15.54
N THR A 266 -1.22 -9.61 -14.75
CA THR A 266 -1.86 -10.79 -14.15
C THR A 266 -2.44 -11.80 -15.16
N GLU A 267 -2.64 -13.03 -14.68
CA GLU A 267 -3.28 -14.09 -15.47
C GLU A 267 -4.79 -13.85 -15.60
N GLY A 268 -5.26 -12.75 -15.01
CA GLY A 268 -6.64 -12.29 -15.15
C GLY A 268 -6.97 -11.93 -16.59
N CYS A 269 -5.94 -11.50 -17.33
CA CYS A 269 -6.07 -11.21 -18.76
C CYS A 269 -6.44 -12.49 -19.52
N ARG A 270 -5.60 -13.52 -19.37
CA ARG A 270 -5.88 -14.84 -19.92
C ARG A 270 -6.93 -15.53 -19.05
N GLY A 271 -8.19 -15.14 -19.25
CA GLY A 271 -9.31 -15.59 -18.44
C GLY A 271 -10.53 -14.74 -18.73
N GLU A 272 -10.33 -13.44 -18.81
CA GLU A 272 -11.36 -12.51 -19.25
C GLU A 272 -11.54 -12.61 -20.77
N GLY A 273 -10.47 -13.02 -21.45
CA GLY A 273 -10.50 -13.23 -22.90
C GLY A 273 -9.21 -12.89 -23.62
N GLY A 274 -8.09 -12.91 -22.87
CA GLY A 274 -6.79 -12.56 -23.42
C GLY A 274 -6.13 -13.68 -24.20
N ILE A 275 -5.42 -13.30 -25.27
CA ILE A 275 -4.75 -14.25 -26.16
C ILE A 275 -3.24 -13.95 -26.22
N LEU A 276 -2.43 -14.98 -26.49
CA LEU A 276 -0.99 -14.83 -26.64
C LEU A 276 -0.54 -14.98 -28.09
N ILE A 277 0.30 -14.03 -28.54
CA ILE A 277 0.75 -13.96 -29.93
C ILE A 277 2.28 -13.81 -30.01
N ASN A 278 2.90 -14.56 -30.93
CA ASN A 278 4.34 -14.49 -31.15
C ASN A 278 4.73 -13.60 -32.35
N SER A 279 5.96 -13.77 -32.86
CA SER A 279 6.51 -12.92 -33.93
C SER A 279 5.70 -12.95 -35.23
N GLN A 280 5.23 -14.14 -35.61
CA GLN A 280 4.47 -14.32 -36.85
C GLN A 280 3.05 -13.77 -36.74
N GLY A 281 2.46 -13.87 -35.55
CA GLY A 281 1.08 -13.48 -35.32
C GLY A 281 0.21 -14.69 -35.00
N GLU A 282 0.84 -15.86 -34.97
CA GLU A 282 0.17 -17.11 -34.67
C GLU A 282 -0.17 -17.23 -33.18
N ARG A 283 -1.34 -17.80 -32.90
CA ARG A 283 -1.70 -18.18 -31.53
C ARG A 283 -0.90 -19.44 -31.19
N PHE A 284 0.29 -19.24 -30.64
CA PHE A 284 1.25 -20.33 -30.41
C PHE A 284 0.83 -21.29 -29.29
N MET A 285 0.04 -20.80 -28.35
CA MET A 285 -0.40 -21.60 -27.20
C MET A 285 -1.42 -22.68 -27.56
N GLU A 286 -2.12 -22.49 -28.68
CA GLU A 286 -3.07 -23.49 -29.18
C GLU A 286 -2.35 -24.63 -29.91
N ARG A 287 -1.08 -24.39 -30.25
CA ARG A 287 -0.23 -25.41 -30.88
C ARG A 287 0.36 -26.35 -29.83
N TYR A 288 0.65 -25.80 -28.65
CA TYR A 288 1.22 -26.58 -27.54
C TYR A 288 0.13 -27.21 -26.66
N ALA A 289 -1.03 -26.56 -26.60
CA ALA A 289 -2.17 -27.06 -25.84
C ALA A 289 -3.40 -27.20 -26.73
N PRO A 290 -3.98 -28.43 -26.81
CA PRO A 290 -5.14 -28.69 -27.67
C PRO A 290 -6.41 -27.95 -27.21
N VAL A 291 -7.10 -28.49 -26.23
CA VAL A 291 -8.33 -27.88 -25.71
C VAL A 291 -8.05 -27.21 -24.36
N ALA A 292 -7.03 -26.37 -24.34
CA ALA A 292 -6.64 -25.61 -23.16
C ALA A 292 -6.20 -24.20 -23.52
N LYS A 293 -5.51 -24.09 -24.66
CA LYS A 293 -5.05 -22.80 -25.22
C LYS A 293 -4.11 -22.05 -24.26
N ASP A 294 -4.20 -20.73 -24.25
CA ASP A 294 -3.42 -19.89 -23.34
C ASP A 294 -4.08 -19.76 -21.96
N LEU A 295 -4.93 -20.73 -21.63
CA LEU A 295 -5.63 -20.78 -20.34
C LEU A 295 -5.17 -22.02 -19.56
N ALA A 296 -3.98 -22.52 -19.91
CA ALA A 296 -3.40 -23.71 -19.29
C ALA A 296 -2.66 -23.38 -17.99
N SER A 297 -1.88 -24.34 -17.49
CA SER A 297 -1.17 -24.21 -16.21
C SER A 297 -0.05 -23.18 -16.24
N ARG A 298 0.35 -22.73 -15.06
CA ARG A 298 1.42 -21.73 -14.90
C ARG A 298 2.74 -22.13 -15.56
N ASP A 299 3.10 -23.41 -15.43
CA ASP A 299 4.36 -23.92 -15.97
C ASP A 299 4.30 -24.23 -17.47
N VAL A 300 3.15 -24.74 -17.93
CA VAL A 300 2.97 -25.17 -19.32
C VAL A 300 2.94 -23.98 -20.30
N VAL A 301 2.30 -22.89 -19.89
CA VAL A 301 2.22 -21.68 -20.70
C VAL A 301 3.58 -21.01 -20.83
N SER A 302 4.27 -20.83 -19.71
CA SER A 302 5.60 -20.21 -19.67
C SER A 302 6.67 -21.07 -20.33
N ARG A 303 6.47 -22.40 -20.30
CA ARG A 303 7.37 -23.36 -20.94
C ARG A 303 7.40 -23.16 -22.45
N SER A 304 6.23 -22.92 -23.03
CA SER A 304 6.08 -22.70 -24.47
C SER A 304 6.62 -21.33 -24.86
N MET A 305 6.37 -20.33 -24.03
CA MET A 305 6.79 -18.95 -24.29
C MET A 305 8.30 -18.81 -24.38
N THR A 306 9.02 -19.44 -23.46
CA THR A 306 10.49 -19.41 -23.44
C THR A 306 11.09 -20.30 -24.53
N LEU A 307 10.32 -21.31 -24.96
CA LEU A 307 10.74 -22.20 -26.04
C LEU A 307 10.63 -21.53 -27.40
N GLU A 308 9.66 -20.62 -27.53
CA GLU A 308 9.47 -19.83 -28.75
C GLU A 308 10.65 -18.89 -29.01
N ILE A 309 11.30 -18.46 -27.92
CA ILE A 309 12.48 -17.60 -27.99
C ILE A 309 13.70 -18.38 -28.49
N ARG A 310 13.79 -19.65 -28.08
CA ARG A 310 14.90 -20.52 -28.48
C ARG A 310 14.90 -20.79 -29.99
N GLU A 311 13.71 -20.81 -30.59
CA GLU A 311 13.55 -21.05 -32.02
C GLU A 311 14.01 -19.84 -32.84
N GLY A 312 13.96 -18.66 -32.23
CA GLY A 312 14.27 -17.41 -32.92
C GLY A 312 13.02 -16.63 -33.28
N ARG A 313 11.88 -17.08 -32.75
CA ARG A 313 10.58 -16.48 -33.03
C ARG A 313 10.17 -15.48 -31.95
N GLY A 314 11.15 -14.79 -31.38
CA GLY A 314 10.92 -13.76 -30.37
C GLY A 314 10.48 -12.46 -30.99
N CYS A 315 10.04 -11.53 -30.13
CA CYS A 315 9.53 -10.24 -30.59
C CYS A 315 10.35 -9.07 -30.04
N GLY A 316 10.31 -7.95 -30.75
CA GLY A 316 11.03 -6.73 -30.35
C GLY A 316 12.35 -6.52 -31.08
N PRO A 317 13.11 -5.48 -30.69
CA PRO A 317 14.41 -5.18 -31.29
C PRO A 317 15.48 -6.23 -30.95
N GLU A 318 15.35 -6.84 -29.78
CA GLU A 318 16.28 -7.88 -29.33
C GLU A 318 15.77 -9.28 -29.71
N LYS A 319 14.45 -9.38 -29.92
CA LYS A 319 13.77 -10.65 -30.18
C LYS A 319 14.01 -11.68 -29.08
N ASP A 320 13.62 -11.31 -27.86
CA ASP A 320 13.82 -12.15 -26.68
C ASP A 320 12.58 -12.17 -25.76
N HIS A 321 11.48 -11.57 -26.21
CA HIS A 321 10.24 -11.53 -25.46
C HIS A 321 9.02 -11.81 -26.34
N VAL A 322 7.85 -11.99 -25.69
CA VAL A 322 6.61 -12.32 -26.39
C VAL A 322 5.58 -11.19 -26.23
N TYR A 323 4.40 -11.36 -26.85
CA TYR A 323 3.33 -10.37 -26.82
C TYR A 323 2.04 -10.90 -26.19
N LEU A 324 1.30 -10.01 -25.53
CA LEU A 324 0.00 -10.31 -24.96
C LEU A 324 -1.06 -9.50 -25.71
N GLN A 325 -2.05 -10.19 -26.26
CA GLN A 325 -3.10 -9.53 -27.05
C GLN A 325 -4.29 -9.11 -26.17
N LEU A 326 -4.40 -7.81 -25.95
CA LEU A 326 -5.54 -7.21 -25.25
C LEU A 326 -6.21 -6.15 -26.13
N HIS A 327 -5.85 -6.18 -27.42
CA HIS A 327 -6.35 -5.23 -28.41
C HIS A 327 -7.82 -5.48 -28.77
N HIS A 328 -8.15 -6.74 -29.04
CA HIS A 328 -9.49 -7.12 -29.53
C HIS A 328 -10.57 -7.09 -28.45
N LEU A 329 -10.15 -7.16 -27.18
CA LEU A 329 -11.08 -7.11 -26.05
C LEU A 329 -11.82 -5.76 -26.00
N PRO A 330 -13.12 -5.79 -25.62
CA PRO A 330 -13.90 -4.56 -25.51
C PRO A 330 -13.32 -3.57 -24.49
N PRO A 331 -13.25 -2.28 -24.85
CA PRO A 331 -12.73 -1.24 -23.96
C PRO A 331 -13.58 -1.04 -22.70
N GLU A 332 -14.85 -1.43 -22.79
CA GLU A 332 -15.78 -1.39 -21.66
C GLU A 332 -15.43 -2.44 -20.61
N GLN A 333 -14.84 -3.55 -21.08
CA GLN A 333 -14.42 -4.64 -20.20
C GLN A 333 -13.06 -4.36 -19.57
N LEU A 334 -12.15 -3.79 -20.35
CA LEU A 334 -10.78 -3.51 -19.92
C LEU A 334 -10.68 -2.50 -18.79
N ALA A 335 -11.58 -1.51 -18.80
CA ALA A 335 -11.58 -0.46 -17.78
C ALA A 335 -12.14 -0.94 -16.44
N VAL A 336 -13.06 -1.90 -16.49
CA VAL A 336 -13.72 -2.42 -15.28
C VAL A 336 -13.03 -3.66 -14.74
N ARG A 337 -12.72 -4.62 -15.62
CA ARG A 337 -12.17 -5.92 -15.20
C ARG A 337 -10.65 -5.92 -15.06
N LEU A 338 -9.97 -5.00 -15.75
CA LEU A 338 -8.51 -4.90 -15.66
C LEU A 338 -8.00 -3.45 -15.54
N PRO A 339 -8.41 -2.73 -14.48
CA PRO A 339 -7.93 -1.35 -14.32
C PRO A 339 -6.50 -1.26 -13.75
N GLY A 340 -6.10 -2.28 -12.98
CA GLY A 340 -4.78 -2.30 -12.33
C GLY A 340 -3.62 -2.39 -13.30
N ILE A 341 -3.76 -3.25 -14.30
CA ILE A 341 -2.74 -3.39 -15.35
C ILE A 341 -2.84 -2.27 -16.40
N SER A 342 -4.00 -1.63 -16.47
CA SER A 342 -4.24 -0.54 -17.42
C SER A 342 -3.35 0.66 -17.13
N GLU A 343 -3.11 0.94 -15.86
CA GLU A 343 -2.30 2.06 -15.43
C GLU A 343 -0.80 1.70 -15.41
N THR A 344 -0.49 0.52 -14.87
CA THR A 344 0.91 0.09 -14.69
C THR A 344 1.65 -0.21 -16.00
N ALA A 345 0.93 -0.67 -17.01
CA ALA A 345 1.50 -0.92 -18.34
C ALA A 345 1.75 0.39 -19.08
N MET A 346 0.98 1.42 -18.73
CA MET A 346 1.16 2.75 -19.30
C MET A 346 2.37 3.46 -18.67
N ILE A 347 2.64 3.14 -17.41
CA ILE A 347 3.73 3.77 -16.66
C ILE A 347 5.10 3.16 -17.01
N PHE A 348 5.24 1.86 -16.80
CA PHE A 348 6.53 1.18 -16.98
C PHE A 348 6.84 0.86 -18.45
N ALA A 349 5.94 0.14 -19.10
CA ALA A 349 6.13 -0.28 -20.49
C ALA A 349 5.87 0.88 -21.47
N GLY A 350 5.02 1.82 -21.08
CA GLY A 350 4.65 2.95 -21.94
C GLY A 350 3.78 2.50 -23.10
N VAL A 351 2.90 1.54 -22.82
CA VAL A 351 2.07 0.91 -23.85
C VAL A 351 0.59 1.08 -23.51
N ASP A 352 -0.20 1.50 -24.51
CA ASP A 352 -1.65 1.61 -24.38
C ASP A 352 -2.27 0.22 -24.31
N VAL A 353 -3.15 0.01 -23.33
CA VAL A 353 -3.71 -1.30 -23.05
C VAL A 353 -4.87 -1.70 -23.97
N THR A 354 -5.53 -0.71 -24.56
CA THR A 354 -6.70 -0.95 -25.40
C THR A 354 -6.42 -0.84 -26.91
N LYS A 355 -5.35 -0.13 -27.27
CA LYS A 355 -5.00 0.11 -28.67
C LYS A 355 -3.68 -0.54 -29.09
N GLU A 356 -2.99 -1.15 -28.13
CA GLU A 356 -1.71 -1.81 -28.39
C GLU A 356 -1.57 -3.11 -27.57
N PRO A 357 -0.86 -4.11 -28.12
CA PRO A 357 -0.57 -5.33 -27.36
C PRO A 357 0.59 -5.13 -26.38
N ILE A 358 0.54 -5.83 -25.25
CA ILE A 358 1.52 -5.64 -24.17
C ILE A 358 2.68 -6.64 -24.26
N PRO A 359 3.93 -6.13 -24.23
CA PRO A 359 5.11 -7.00 -24.20
C PRO A 359 5.23 -7.82 -22.91
N VAL A 360 5.46 -9.12 -23.06
CA VAL A 360 5.51 -10.04 -21.92
C VAL A 360 6.71 -11.00 -21.98
N LEU A 361 7.15 -11.44 -20.79
CA LEU A 361 8.27 -12.38 -20.66
C LEU A 361 8.14 -13.19 -19.37
N PRO A 362 8.30 -14.53 -19.45
CA PRO A 362 8.26 -15.40 -18.27
C PRO A 362 9.34 -15.05 -17.25
N THR A 363 8.91 -14.66 -16.06
CA THR A 363 9.82 -14.26 -14.97
C THR A 363 9.43 -14.92 -13.65
N VAL A 364 10.38 -14.99 -12.73
CA VAL A 364 10.19 -15.59 -11.40
C VAL A 364 9.02 -14.94 -10.66
N HIS A 365 8.17 -15.77 -10.05
CA HIS A 365 6.92 -15.32 -9.46
C HIS A 365 6.68 -15.86 -8.06
N TYR A 366 6.66 -17.19 -7.93
CA TYR A 366 6.26 -17.86 -6.70
C TYR A 366 7.23 -18.97 -6.33
N ASN A 367 7.38 -19.21 -5.03
CA ASN A 367 8.18 -20.32 -4.51
C ASN A 367 7.29 -21.36 -3.85
N MET A 368 7.16 -22.53 -4.49
CA MET A 368 6.32 -23.62 -4.01
C MET A 368 6.83 -24.13 -2.66
N GLY A 369 8.15 -24.19 -2.53
CA GLY A 369 8.79 -24.72 -1.34
C GLY A 369 8.85 -23.75 -0.18
N GLY A 370 9.64 -24.13 0.83
CA GLY A 370 9.79 -23.35 2.05
C GLY A 370 9.94 -24.26 3.26
N ILE A 371 9.16 -23.97 4.31
CA ILE A 371 9.23 -24.71 5.55
C ILE A 371 8.19 -25.85 5.55
N PRO A 372 8.64 -27.10 5.74
CA PRO A 372 7.76 -28.27 5.82
C PRO A 372 6.62 -28.08 6.83
N THR A 373 5.40 -28.41 6.41
CA THR A 373 4.21 -28.07 7.18
C THR A 373 3.13 -29.17 7.13
N ASN A 374 2.46 -29.37 8.26
CA ASN A 374 1.27 -30.22 8.33
C ASN A 374 0.09 -29.59 7.60
N TYR A 375 -1.06 -30.26 7.65
CA TYR A 375 -2.30 -29.65 7.15
C TYR A 375 -2.88 -28.70 8.19
N LYS A 376 -2.35 -28.78 9.41
CA LYS A 376 -2.76 -27.92 10.51
C LYS A 376 -1.90 -26.67 10.65
N GLY A 377 -0.70 -26.70 10.07
CA GLY A 377 0.20 -25.56 10.10
C GLY A 377 1.47 -25.79 10.91
N GLN A 378 1.60 -27.00 11.46
CA GLN A 378 2.73 -27.35 12.30
C GLN A 378 3.98 -27.64 11.47
N VAL A 379 5.11 -27.07 11.90
CA VAL A 379 6.40 -27.26 11.22
C VAL A 379 6.94 -28.67 11.47
N LEU A 380 7.39 -29.32 10.41
CA LEU A 380 7.87 -30.70 10.48
C LEU A 380 9.37 -30.82 10.26
N ARG A 381 10.02 -31.57 11.16
CA ARG A 381 11.40 -32.00 10.96
C ARG A 381 11.41 -33.43 10.41
N HIS A 382 12.60 -33.96 10.15
CA HIS A 382 12.71 -35.30 9.57
C HIS A 382 13.77 -36.14 10.27
N VAL A 383 13.33 -36.96 11.23
CA VAL A 383 14.22 -37.83 12.00
C VAL A 383 13.87 -39.30 11.76
N ASN A 384 14.87 -40.07 11.35
CA ASN A 384 14.73 -41.50 11.04
C ASN A 384 13.67 -41.82 9.99
N GLY A 385 13.69 -41.04 8.91
CA GLY A 385 12.77 -41.24 7.78
C GLY A 385 11.30 -41.07 8.12
N GLN A 386 11.02 -40.34 9.20
CA GLN A 386 9.65 -40.16 9.68
C GLN A 386 9.35 -38.71 10.04
N ASP A 387 8.08 -38.34 9.93
CA ASP A 387 7.63 -36.99 10.26
C ASP A 387 7.56 -36.76 11.76
N GLN A 388 8.07 -35.61 12.21
CA GLN A 388 8.09 -35.25 13.62
C GLN A 388 7.75 -33.77 13.78
N VAL A 389 6.85 -33.47 14.71
CA VAL A 389 6.39 -32.10 14.94
C VAL A 389 7.37 -31.33 15.82
N VAL A 390 7.81 -30.17 15.33
CA VAL A 390 8.65 -29.26 16.10
C VAL A 390 7.75 -28.41 17.00
N PRO A 391 7.92 -28.54 18.33
CA PRO A 391 7.06 -27.86 19.32
C PRO A 391 7.21 -26.34 19.30
N GLY A 392 6.07 -25.65 19.28
CA GLY A 392 6.03 -24.19 19.36
C GLY A 392 6.41 -23.47 18.08
N LEU A 393 6.40 -24.19 16.96
CA LEU A 393 6.76 -23.60 15.66
C LEU A 393 5.70 -23.88 14.60
N TYR A 394 5.32 -22.83 13.88
CA TYR A 394 4.29 -22.90 12.84
C TYR A 394 4.69 -22.13 11.58
N ALA A 395 4.08 -22.49 10.45
CA ALA A 395 4.34 -21.81 9.19
C ALA A 395 3.11 -21.82 8.27
N CYS A 396 2.87 -20.70 7.60
CA CYS A 396 1.75 -20.56 6.68
C CYS A 396 2.03 -19.54 5.57
N GLY A 397 1.49 -19.80 4.38
CA GLY A 397 1.64 -18.90 3.25
C GLY A 397 2.70 -19.33 2.25
N GLU A 398 3.30 -18.35 1.58
CA GLU A 398 4.33 -18.60 0.56
C GLU A 398 5.62 -19.14 1.18
N ALA A 399 5.95 -18.65 2.37
CA ALA A 399 7.15 -19.06 3.10
C ALA A 399 7.10 -20.51 3.55
N ALA A 400 5.89 -21.02 3.72
CA ALA A 400 5.68 -22.40 4.15
C ALA A 400 5.59 -23.35 2.96
N CYS A 401 5.89 -24.62 3.21
CA CYS A 401 5.70 -25.67 2.23
C CYS A 401 4.84 -26.79 2.81
N ALA A 402 3.53 -26.56 2.84
CA ALA A 402 2.56 -27.61 3.15
C ALA A 402 2.36 -28.45 1.89
N SER A 403 2.96 -27.97 0.79
CA SER A 403 2.86 -28.59 -0.52
C SER A 403 1.41 -28.78 -0.96
N VAL A 404 0.61 -27.74 -0.72
CA VAL A 404 -0.76 -27.68 -1.23
C VAL A 404 -0.70 -27.23 -2.69
N HIS A 405 0.46 -26.73 -3.09
CA HIS A 405 0.72 -26.31 -4.47
C HIS A 405 1.63 -27.33 -5.19
N GLY A 406 2.38 -28.10 -4.41
CA GLY A 406 3.21 -29.19 -4.92
C GLY A 406 4.36 -28.76 -5.81
N ALA A 407 4.36 -29.26 -7.05
CA ALA A 407 5.40 -28.96 -8.03
C ALA A 407 5.09 -27.69 -8.81
N ASN A 408 3.80 -27.42 -9.01
CA ASN A 408 3.36 -26.22 -9.71
C ASN A 408 2.08 -25.62 -9.11
N ARG A 409 2.18 -24.39 -8.64
CA ARG A 409 1.05 -23.68 -8.03
C ARG A 409 0.00 -23.33 -9.08
N LEU A 410 -1.26 -23.65 -8.78
CA LEU A 410 -2.38 -23.30 -9.63
C LEU A 410 -2.73 -21.82 -9.46
N GLY A 411 -3.21 -21.19 -10.53
CA GLY A 411 -3.49 -19.77 -10.55
C GLY A 411 -4.50 -19.32 -9.50
N ALA A 412 -4.16 -18.23 -8.80
CA ALA A 412 -4.99 -17.63 -7.75
C ALA A 412 -5.28 -18.54 -6.56
N ASN A 413 -4.28 -19.32 -6.16
CA ASN A 413 -4.41 -20.23 -5.02
C ASN A 413 -3.60 -19.81 -3.80
N SER A 414 -2.69 -18.86 -3.97
CA SER A 414 -1.81 -18.42 -2.88
C SER A 414 -2.53 -17.57 -1.84
N LEU A 415 -3.44 -16.71 -2.27
CA LEU A 415 -4.25 -15.90 -1.36
C LEU A 415 -5.23 -16.79 -0.58
N LEU A 416 -5.60 -17.92 -1.18
CA LEU A 416 -6.37 -18.95 -0.48
C LEU A 416 -5.49 -19.69 0.50
N ASP A 417 -4.27 -20.01 0.05
CA ASP A 417 -3.23 -20.63 0.89
C ASP A 417 -2.92 -19.75 2.10
N LEU A 418 -3.05 -18.44 1.91
CA LEU A 418 -2.83 -17.45 2.97
C LEU A 418 -3.88 -17.53 4.08
N VAL A 419 -5.15 -17.39 3.69
CA VAL A 419 -6.26 -17.27 4.66
C VAL A 419 -6.58 -18.59 5.36
N VAL A 420 -6.60 -19.68 4.60
CA VAL A 420 -6.95 -21.00 5.13
C VAL A 420 -5.90 -21.54 6.12
N PHE A 421 -4.64 -21.51 5.72
CA PHE A 421 -3.55 -22.02 6.56
C PHE A 421 -3.09 -21.03 7.61
N GLY A 422 -3.41 -19.75 7.41
CA GLY A 422 -3.23 -18.74 8.45
C GLY A 422 -4.25 -18.96 9.56
N ARG A 423 -5.47 -19.32 9.16
CA ARG A 423 -6.56 -19.67 10.07
C ARG A 423 -6.24 -20.99 10.79
N ALA A 424 -5.63 -21.91 10.06
CA ALA A 424 -5.27 -23.22 10.60
C ALA A 424 -4.17 -23.11 11.66
N CYS A 425 -3.21 -22.23 11.43
CA CYS A 425 -2.14 -21.96 12.38
C CYS A 425 -2.70 -21.40 13.69
N ALA A 426 -3.73 -20.57 13.58
CA ALA A 426 -4.42 -20.00 14.73
C ALA A 426 -5.21 -21.04 15.52
N LEU A 427 -5.96 -21.88 14.79
CA LEU A 427 -6.80 -22.90 15.40
C LEU A 427 -6.01 -24.05 16.04
N SER A 428 -4.80 -24.28 15.54
CA SER A 428 -3.92 -25.30 16.10
C SER A 428 -3.38 -24.90 17.47
N ILE A 429 -3.14 -23.60 17.65
CA ILE A 429 -2.73 -23.05 18.94
C ILE A 429 -3.95 -22.85 19.84
N ALA A 430 -5.12 -22.64 19.22
CA ALA A 430 -6.36 -22.41 19.96
C ALA A 430 -6.94 -23.70 20.56
N GLU A 431 -7.10 -24.73 19.73
CA GLU A 431 -7.73 -25.97 20.16
C GLU A 431 -6.80 -26.87 20.98
N SER A 432 -5.50 -26.79 20.70
CA SER A 432 -4.49 -27.44 21.55
C SER A 432 -3.81 -26.25 22.18
N CYS A 433 -3.45 -26.42 23.45
CA CYS A 433 -2.81 -25.41 24.26
C CYS A 433 -3.57 -24.14 24.57
N ARG A 434 -3.84 -23.88 25.84
CA ARG A 434 -4.43 -22.62 26.28
C ARG A 434 -3.64 -21.30 26.57
N PRO A 435 -4.34 -20.15 26.48
CA PRO A 435 -3.69 -18.86 26.78
C PRO A 435 -3.42 -18.69 28.26
N GLY A 436 -2.26 -18.11 28.58
CA GLY A 436 -1.85 -17.91 29.97
C GLY A 436 -0.97 -19.03 30.49
N ASP A 437 -0.78 -20.07 29.68
CA ASP A 437 0.11 -21.18 30.02
C ASP A 437 1.56 -20.72 30.08
N LYS A 438 2.34 -21.38 30.94
CA LYS A 438 3.72 -20.99 31.21
C LYS A 438 4.50 -20.73 29.92
N VAL A 439 4.99 -19.51 29.79
CA VAL A 439 5.88 -19.13 28.69
C VAL A 439 7.24 -19.76 28.96
N PRO A 440 7.66 -20.70 28.09
CA PRO A 440 8.89 -21.47 28.31
C PRO A 440 10.13 -20.58 28.43
N SER A 441 10.93 -20.84 29.45
CA SER A 441 12.07 -20.00 29.79
C SER A 441 13.21 -20.10 28.75
N ILE A 442 13.64 -18.93 28.28
CA ILE A 442 14.78 -18.83 27.37
C ILE A 442 16.07 -18.72 28.18
N LYS A 443 17.19 -19.13 27.58
CA LYS A 443 18.50 -19.02 28.21
C LYS A 443 18.84 -17.55 28.47
N PRO A 444 19.48 -17.26 29.61
CA PRO A 444 19.93 -15.89 29.92
C PRO A 444 20.95 -15.36 28.91
N ASN A 445 21.51 -16.27 28.11
CA ASN A 445 22.53 -15.93 27.12
C ASN A 445 22.00 -15.97 25.68
N ALA A 446 21.02 -16.82 25.44
CA ALA A 446 20.50 -17.13 24.08
C ALA A 446 20.34 -15.92 23.16
N GLY A 447 20.79 -16.09 21.92
CA GLY A 447 20.75 -15.02 20.92
C GLY A 447 22.11 -14.41 20.65
N GLU A 448 23.14 -14.94 21.32
CA GLU A 448 24.52 -14.45 21.22
C GLU A 448 25.05 -14.46 19.78
N GLU A 449 24.74 -15.52 19.04
CA GLU A 449 25.18 -15.66 17.65
C GLU A 449 24.48 -14.67 16.72
N SER A 450 23.22 -14.34 17.04
CA SER A 450 22.44 -13.37 16.28
C SER A 450 22.95 -11.95 16.47
N VAL A 451 23.42 -11.66 17.68
CA VAL A 451 24.01 -10.36 18.02
C VAL A 451 25.40 -10.22 17.39
N MET A 452 26.18 -11.29 17.45
CA MET A 452 27.53 -11.31 16.86
C MET A 452 27.51 -11.27 15.34
N ASN A 453 26.45 -11.81 14.74
CA ASN A 453 26.24 -11.72 13.29
C ASN A 453 25.88 -10.30 12.88
N LEU A 454 25.12 -9.62 13.73
CA LEU A 454 24.73 -8.22 13.52
C LEU A 454 25.94 -7.30 13.63
N ASP A 455 26.80 -7.57 14.61
CA ASP A 455 27.99 -6.75 14.86
C ASP A 455 29.07 -6.94 13.80
N LYS A 456 29.13 -8.15 13.23
CA LYS A 456 30.10 -8.47 12.18
C LYS A 456 29.78 -7.73 10.88
N LEU A 457 28.50 -7.68 10.53
CA LEU A 457 28.03 -7.02 9.30
C LEU A 457 27.94 -5.50 9.44
N ARG A 458 27.91 -5.02 10.69
CA ARG A 458 27.82 -3.59 10.97
C ARG A 458 29.15 -2.90 10.68
N PHE A 459 30.23 -3.45 11.22
CA PHE A 459 31.58 -2.91 11.02
C PHE A 459 32.34 -3.70 9.96
N ALA A 460 31.69 -3.96 8.83
CA ALA A 460 32.27 -4.77 7.76
C ALA A 460 33.28 -3.99 6.91
N ASN A 461 34.52 -4.50 6.89
CA ASN A 461 35.59 -3.93 6.08
C ASN A 461 36.14 -4.93 5.06
N GLY A 462 35.27 -5.43 4.20
CA GLY A 462 35.64 -6.42 3.19
C GLY A 462 36.15 -5.83 1.90
N THR A 463 36.35 -6.69 0.90
CA THR A 463 36.84 -6.28 -0.41
C THR A 463 35.72 -6.11 -1.43
N ILE A 464 34.61 -6.81 -1.22
CA ILE A 464 33.46 -6.75 -2.13
C ILE A 464 32.34 -5.93 -1.49
N ARG A 465 31.71 -5.07 -2.29
CA ARG A 465 30.54 -4.30 -1.84
C ARG A 465 29.32 -5.22 -1.76
N THR A 466 28.39 -4.88 -0.87
CA THR A 466 27.18 -5.67 -0.64
C THR A 466 26.38 -5.93 -1.91
N SER A 467 26.15 -4.88 -2.69
CA SER A 467 25.37 -4.96 -3.93
C SER A 467 26.12 -5.69 -5.04
N GLU A 468 27.45 -5.59 -5.02
CA GLU A 468 28.31 -6.23 -6.01
C GLU A 468 28.32 -7.76 -5.86
N LEU A 469 28.07 -8.22 -4.63
CA LEU A 469 27.93 -9.64 -4.33
C LEU A 469 26.52 -10.14 -4.63
N ARG A 470 25.53 -9.25 -4.44
CA ARG A 470 24.13 -9.56 -4.71
C ARG A 470 23.89 -9.73 -6.22
N LEU A 471 24.57 -8.90 -7.02
CA LEU A 471 24.49 -8.95 -8.47
C LEU A 471 25.02 -10.28 -9.02
N SER A 472 26.07 -10.80 -8.39
CA SER A 472 26.67 -12.07 -8.78
C SER A 472 25.76 -13.26 -8.50
N MET A 473 24.97 -13.16 -7.43
CA MET A 473 24.00 -14.19 -7.06
C MET A 473 22.81 -14.20 -8.02
N GLN A 474 22.25 -13.00 -8.27
CA GLN A 474 21.04 -12.85 -9.07
C GLN A 474 21.21 -13.25 -10.54
N LYS A 475 22.35 -12.89 -11.13
CA LYS A 475 22.64 -13.25 -12.52
C LYS A 475 22.99 -14.73 -12.69
N SER A 476 23.61 -15.31 -11.68
CA SER A 476 23.98 -16.73 -11.70
C SER A 476 22.76 -17.63 -11.63
N MET A 477 21.78 -17.26 -10.79
CA MET A 477 20.55 -18.02 -10.64
C MET A 477 19.67 -17.91 -11.89
N GLN A 478 19.68 -16.73 -12.52
CA GLN A 478 18.88 -16.46 -13.71
C GLN A 478 19.31 -17.28 -14.93
N SER A 479 20.62 -17.51 -15.05
CA SER A 479 21.17 -18.23 -16.20
C SER A 479 21.34 -19.73 -15.97
N HIS A 480 21.73 -20.11 -14.75
CA HIS A 480 22.00 -21.52 -14.42
C HIS A 480 20.78 -22.28 -13.91
N ALA A 481 19.76 -21.55 -13.48
CA ALA A 481 18.52 -22.16 -12.98
C ALA A 481 17.27 -21.45 -13.52
N ALA A 482 17.15 -21.42 -14.85
CA ALA A 482 16.02 -20.78 -15.53
C ALA A 482 14.82 -21.74 -15.64
N VAL A 483 13.95 -21.49 -16.63
CA VAL A 483 12.81 -22.35 -16.89
C VAL A 483 13.28 -23.74 -17.33
N PHE A 484 14.16 -23.77 -18.33
CA PHE A 484 14.84 -24.99 -18.75
C PHE A 484 16.22 -25.02 -18.13
N ARG A 485 16.53 -26.12 -17.43
CA ARG A 485 17.82 -26.28 -16.78
C ARG A 485 18.48 -27.62 -17.09
N VAL A 486 19.72 -27.55 -17.57
CA VAL A 486 20.51 -28.73 -17.92
C VAL A 486 21.47 -29.05 -16.77
N GLY A 487 21.72 -30.35 -16.57
CA GLY A 487 22.63 -30.82 -15.52
C GLY A 487 24.06 -30.32 -15.67
N SER A 488 24.48 -30.08 -16.90
CA SER A 488 25.81 -29.53 -17.20
C SER A 488 25.91 -28.07 -16.77
N VAL A 489 24.80 -27.33 -16.89
CA VAL A 489 24.73 -25.93 -16.49
C VAL A 489 24.50 -25.80 -14.99
N LEU A 490 23.73 -26.74 -14.43
CA LEU A 490 23.42 -26.77 -13.00
C LEU A 490 24.65 -27.11 -12.15
N GLN A 491 25.52 -27.97 -12.67
CA GLN A 491 26.76 -28.35 -11.99
C GLN A 491 27.69 -27.15 -11.78
N GLU A 492 27.82 -26.33 -12.82
CA GLU A 492 28.62 -25.11 -12.75
C GLU A 492 27.92 -24.05 -11.88
N GLY A 493 26.60 -24.04 -11.93
CA GLY A 493 25.79 -23.14 -11.13
C GLY A 493 25.84 -23.42 -9.64
N CYS A 494 26.07 -24.69 -9.30
CA CYS A 494 26.17 -25.11 -7.90
C CYS A 494 27.45 -24.63 -7.22
N GLU A 495 28.59 -24.86 -7.89
CA GLU A 495 29.90 -24.47 -7.35
C GLU A 495 30.15 -22.96 -7.42
N LYS A 496 29.41 -22.27 -8.28
CA LYS A 496 29.51 -20.82 -8.42
C LYS A 496 28.85 -20.13 -7.22
N ILE A 497 27.69 -20.62 -6.82
CA ILE A 497 26.96 -20.12 -5.64
C ILE A 497 27.68 -20.53 -4.35
N LEU A 498 28.35 -21.69 -4.41
CA LEU A 498 29.14 -22.22 -3.29
C LEU A 498 30.29 -21.28 -2.90
N ARG A 499 30.97 -20.74 -3.91
CA ARG A 499 32.08 -19.80 -3.69
C ARG A 499 31.56 -18.45 -3.20
N LEU A 500 30.38 -18.06 -3.68
CA LEU A 500 29.76 -16.79 -3.30
C LEU A 500 29.28 -16.78 -1.84
N TYR A 501 29.09 -17.97 -1.28
CA TYR A 501 28.74 -18.12 0.13
C TYR A 501 29.97 -17.88 1.01
N GLY A 502 31.14 -18.23 0.48
CA GLY A 502 32.41 -17.97 1.16
C GLY A 502 32.79 -16.50 1.13
N ASP A 503 32.21 -15.77 0.18
CA ASP A 503 32.45 -14.34 0.03
C ASP A 503 31.62 -13.48 1.00
N LEU A 504 30.73 -14.14 1.76
CA LEU A 504 29.87 -13.45 2.72
C LEU A 504 30.62 -12.95 3.96
N GLN A 505 31.92 -13.24 4.03
CA GLN A 505 32.81 -12.68 5.04
C GLN A 505 33.77 -11.66 4.42
N HIS A 506 33.68 -11.50 3.11
CA HIS A 506 34.50 -10.55 2.36
C HIS A 506 33.70 -9.31 1.94
N LEU A 507 32.53 -9.12 2.55
CA LEU A 507 31.63 -8.02 2.18
C LEU A 507 31.91 -6.71 2.92
N LYS A 508 31.55 -5.60 2.28
CA LYS A 508 31.81 -4.26 2.83
C LYS A 508 30.51 -3.52 3.13
N THR A 509 30.45 -2.93 4.33
CA THR A 509 29.31 -2.10 4.75
C THR A 509 29.82 -0.71 5.15
N PHE A 510 29.27 0.31 4.50
CA PHE A 510 29.70 1.69 4.72
C PHE A 510 28.96 2.37 5.88
N ASP A 511 27.64 2.24 5.88
CA ASP A 511 26.79 2.84 6.92
C ASP A 511 26.98 2.09 8.25
N ARG A 512 27.51 2.80 9.24
CA ARG A 512 27.77 2.23 10.56
C ARG A 512 26.96 2.94 11.63
N GLY A 513 25.65 2.97 11.45
CA GLY A 513 24.74 3.59 12.40
C GLY A 513 23.74 2.62 13.00
N MET A 514 22.95 3.10 13.95
CA MET A 514 21.93 2.28 14.61
C MET A 514 20.55 2.54 14.01
N VAL A 515 20.15 3.81 13.98
CA VAL A 515 18.85 4.21 13.45
C VAL A 515 18.79 4.00 11.94
N TRP A 516 17.84 3.17 11.51
CA TRP A 516 17.59 2.88 10.09
C TRP A 516 18.84 2.64 9.26
N ASN A 517 19.44 1.47 9.41
CA ASN A 517 20.59 1.07 8.63
C ASN A 517 20.17 0.12 7.51
N THR A 518 19.73 0.68 6.39
CA THR A 518 19.32 -0.10 5.22
C THR A 518 20.49 -0.79 4.54
N ASP A 519 21.70 -0.27 4.77
CA ASP A 519 22.93 -0.90 4.30
C ASP A 519 23.20 -2.19 5.06
N LEU A 520 22.74 -2.25 6.30
CA LEU A 520 22.93 -3.43 7.15
C LEU A 520 21.87 -4.50 6.91
N VAL A 521 20.60 -4.09 6.87
CA VAL A 521 19.49 -5.04 6.76
C VAL A 521 19.38 -5.71 5.39
N GLU A 522 19.81 -5.01 4.34
CA GLU A 522 19.85 -5.59 3.00
C GLU A 522 21.01 -6.57 2.86
N THR A 523 22.06 -6.37 3.65
CA THR A 523 23.18 -7.31 3.74
C THR A 523 22.75 -8.54 4.55
N LEU A 524 21.91 -8.32 5.56
CA LEU A 524 21.28 -9.40 6.30
C LEU A 524 20.31 -10.16 5.41
N GLU A 525 19.63 -9.42 4.53
CA GLU A 525 18.77 -10.01 3.52
C GLU A 525 19.58 -10.81 2.49
N LEU A 526 20.78 -10.31 2.18
CA LEU A 526 21.72 -10.99 1.29
C LEU A 526 22.20 -12.32 1.87
N GLN A 527 22.44 -12.34 3.18
CA GLN A 527 22.81 -13.56 3.90
C GLN A 527 21.67 -14.58 3.88
N ASN A 528 20.44 -14.07 4.01
CA ASN A 528 19.25 -14.90 4.00
C ASN A 528 18.86 -15.38 2.60
N LEU A 529 19.20 -14.58 1.59
CA LEU A 529 18.98 -14.94 0.19
C LEU A 529 19.90 -16.07 -0.26
N MET A 530 21.16 -16.01 0.19
CA MET A 530 22.18 -17.02 -0.13
C MET A 530 21.80 -18.40 0.39
N LEU A 531 21.34 -18.46 1.64
CA LEU A 531 20.92 -19.71 2.27
C LEU A 531 19.72 -20.34 1.53
N CYS A 532 18.93 -19.51 0.87
CA CYS A 532 17.84 -19.97 0.01
C CYS A 532 18.36 -20.33 -1.37
N ALA A 533 19.37 -19.61 -1.83
CA ALA A 533 19.95 -19.80 -3.17
C ALA A 533 20.75 -21.11 -3.29
N LEU A 534 21.44 -21.49 -2.22
CA LEU A 534 22.22 -22.73 -2.20
C LEU A 534 21.36 -23.97 -2.24
N GLN A 535 20.26 -23.96 -1.47
CA GLN A 535 19.36 -25.11 -1.38
C GLN A 535 18.49 -25.26 -2.62
N THR A 536 18.30 -24.16 -3.35
CA THR A 536 17.54 -24.16 -4.60
C THR A 536 18.35 -24.80 -5.74
N ILE A 537 19.61 -24.38 -5.87
CA ILE A 537 20.47 -24.85 -6.96
C ILE A 537 20.95 -26.30 -6.78
N TYR A 538 21.28 -26.67 -5.54
CA TYR A 538 21.73 -28.03 -5.22
C TYR A 538 20.60 -29.05 -5.32
N GLY A 539 19.40 -28.63 -4.95
CA GLY A 539 18.20 -29.47 -5.06
C GLY A 539 17.75 -29.65 -6.49
N ALA A 540 18.07 -28.67 -7.34
CA ALA A 540 17.71 -28.70 -8.75
C ALA A 540 18.58 -29.66 -9.56
N GLU A 541 19.87 -29.72 -9.21
CA GLU A 541 20.81 -30.61 -9.90
C GLU A 541 20.66 -32.06 -9.41
N ALA A 542 20.10 -32.23 -8.22
CA ALA A 542 19.90 -33.55 -7.63
C ALA A 542 18.69 -34.26 -8.23
N ARG A 543 17.60 -33.52 -8.41
CA ARG A 543 16.36 -34.07 -8.97
C ARG A 543 16.51 -34.33 -10.47
N LYS A 544 16.27 -35.58 -10.86
CA LYS A 544 16.47 -36.01 -12.24
C LYS A 544 15.15 -36.37 -12.93
N GLU A 545 14.28 -35.37 -13.08
CA GLU A 545 12.98 -35.53 -13.72
C GLU A 545 12.40 -34.20 -14.21
N SER A 546 11.27 -34.28 -14.92
CA SER A 546 10.52 -33.10 -15.33
C SER A 546 9.12 -33.10 -14.70
N ARG A 547 9.04 -32.56 -13.49
CA ARG A 547 7.78 -32.51 -12.74
C ARG A 547 7.39 -31.07 -12.40
N GLY A 548 6.30 -30.60 -12.99
CA GLY A 548 5.77 -29.27 -12.74
C GLY A 548 6.69 -28.16 -13.22
N ALA A 549 7.08 -27.29 -12.30
CA ALA A 549 7.98 -26.17 -12.60
C ALA A 549 9.40 -26.65 -12.94
N HIS A 550 9.88 -27.64 -12.18
CA HIS A 550 11.20 -28.21 -12.39
C HIS A 550 11.20 -29.15 -13.59
N ALA A 551 11.88 -28.74 -14.66
CA ALA A 551 11.96 -29.53 -15.88
C ALA A 551 13.41 -29.66 -16.35
N ARG A 552 13.88 -30.90 -16.42
CA ARG A 552 15.27 -31.18 -16.80
C ARG A 552 15.40 -31.55 -18.28
N GLU A 553 16.43 -31.02 -18.92
CA GLU A 553 16.76 -31.36 -20.30
C GLU A 553 17.40 -32.74 -20.38
N ASP A 554 18.11 -33.11 -19.32
CA ASP A 554 18.78 -34.41 -19.23
C ASP A 554 17.75 -35.53 -19.04
N PHE A 555 16.82 -35.31 -18.11
CA PHE A 555 15.78 -36.28 -17.80
C PHE A 555 14.41 -35.62 -17.90
N LYS A 556 13.78 -35.80 -19.06
CA LYS A 556 12.47 -35.19 -19.35
C LYS A 556 11.29 -36.10 -19.00
N GLU A 557 11.58 -37.15 -18.24
CA GLU A 557 10.58 -38.16 -17.90
C GLU A 557 9.87 -37.85 -16.58
N ARG A 558 8.64 -38.37 -16.45
CA ARG A 558 7.91 -38.32 -15.19
C ARG A 558 8.24 -39.54 -14.34
N VAL A 559 9.20 -39.39 -13.43
CA VAL A 559 9.67 -40.50 -12.62
C VAL A 559 8.79 -40.69 -11.37
N ASP A 560 7.75 -41.51 -11.52
CA ASP A 560 6.85 -41.87 -10.43
C ASP A 560 7.19 -43.27 -9.92
N GLU A 561 6.38 -43.79 -9.00
CA GLU A 561 6.55 -45.15 -8.50
C GLU A 561 6.25 -46.16 -9.60
N TYR A 562 5.28 -45.82 -10.46
CA TYR A 562 4.93 -46.64 -11.61
C TYR A 562 4.98 -45.82 -12.90
N ASP A 563 4.96 -46.52 -14.03
CA ASP A 563 4.80 -45.89 -15.33
C ASP A 563 3.30 -45.81 -15.62
N TYR A 564 2.71 -44.64 -15.32
CA TYR A 564 1.26 -44.46 -15.36
C TYR A 564 0.65 -44.33 -16.76
N SER A 565 1.47 -44.49 -17.80
CA SER A 565 1.00 -44.55 -19.17
C SER A 565 0.20 -45.84 -19.40
N LYS A 566 0.68 -46.93 -18.81
CA LYS A 566 -0.05 -48.20 -18.77
C LYS A 566 -0.66 -48.41 -17.37
N PRO A 567 -1.86 -49.02 -17.30
CA PRO A 567 -2.54 -49.22 -16.02
C PRO A 567 -1.78 -50.12 -15.05
N ILE A 568 -1.75 -49.74 -13.78
CA ILE A 568 -1.11 -50.53 -12.73
C ILE A 568 -2.05 -51.63 -12.23
N GLN A 569 -1.63 -52.88 -12.41
CA GLN A 569 -2.37 -54.05 -11.95
C GLN A 569 -1.47 -55.29 -11.96
N GLY A 570 -0.68 -55.43 -13.02
CA GLY A 570 0.32 -56.50 -13.13
C GLY A 570 1.74 -55.95 -13.14
N GLN A 571 1.86 -54.64 -12.91
CA GLN A 571 3.14 -53.94 -12.88
C GLN A 571 3.74 -54.00 -11.47
N GLN A 572 5.07 -53.92 -11.40
CA GLN A 572 5.78 -53.97 -10.11
C GLN A 572 6.17 -52.58 -9.60
N LYS A 573 6.29 -52.45 -8.29
CA LYS A 573 6.60 -51.17 -7.63
C LYS A 573 8.09 -50.90 -7.54
N LYS A 574 8.46 -49.62 -7.63
CA LYS A 574 9.84 -49.18 -7.49
C LYS A 574 10.16 -48.77 -6.04
N PRO A 575 11.41 -48.99 -5.60
CA PRO A 575 11.85 -48.57 -4.27
C PRO A 575 11.81 -47.06 -4.07
N PHE A 576 11.72 -46.63 -2.81
CA PHE A 576 11.58 -45.21 -2.46
C PHE A 576 12.74 -44.34 -2.96
N GLN A 577 13.96 -44.85 -2.85
CA GLN A 577 15.16 -44.10 -3.24
C GLN A 577 15.52 -44.27 -4.72
N GLU A 578 14.53 -44.63 -5.54
CA GLU A 578 14.74 -44.84 -6.97
C GLU A 578 13.79 -44.00 -7.83
N HIS A 579 12.66 -43.60 -7.26
CA HIS A 579 11.72 -42.70 -7.95
C HIS A 579 11.70 -41.32 -7.31
N TRP A 580 11.36 -40.31 -8.10
CA TRP A 580 11.45 -38.91 -7.66
C TRP A 580 10.15 -38.29 -7.15
N ARG A 581 9.12 -39.11 -6.96
CA ARG A 581 7.85 -38.63 -6.39
C ARG A 581 7.97 -38.55 -4.87
N LYS A 582 8.79 -37.61 -4.42
CA LYS A 582 9.08 -37.41 -2.99
C LYS A 582 9.52 -35.97 -2.74
N HIS A 583 9.32 -35.50 -1.51
CA HIS A 583 9.69 -34.14 -1.13
C HIS A 583 11.19 -34.00 -0.88
N THR A 584 11.79 -32.97 -1.48
CA THR A 584 13.21 -32.68 -1.30
C THR A 584 13.44 -31.86 -0.03
N LEU A 585 13.96 -32.52 1.00
CA LEU A 585 14.27 -31.85 2.26
C LEU A 585 15.75 -31.49 2.33
N SER A 586 16.04 -30.20 2.26
CA SER A 586 17.42 -29.73 2.19
C SER A 586 17.90 -29.06 3.48
N TYR A 587 19.09 -29.47 3.92
CA TYR A 587 19.80 -28.84 5.02
C TYR A 587 21.05 -28.17 4.46
N VAL A 588 21.61 -27.23 5.21
CA VAL A 588 22.92 -26.65 4.88
C VAL A 588 23.69 -26.27 6.14
N ASP A 589 24.94 -26.75 6.22
CA ASP A 589 25.83 -26.39 7.30
C ASP A 589 26.16 -24.90 7.20
N VAL A 590 25.85 -24.17 8.26
CA VAL A 590 25.93 -22.70 8.27
C VAL A 590 27.36 -22.19 8.01
N LYS A 591 28.35 -22.89 8.54
CA LYS A 591 29.74 -22.44 8.46
C LYS A 591 30.43 -22.81 7.15
N THR A 592 30.42 -24.10 6.80
CA THR A 592 31.08 -24.59 5.58
C THR A 592 30.30 -24.26 4.32
N GLY A 593 28.98 -24.37 4.38
CA GLY A 593 28.11 -24.09 3.24
C GLY A 593 27.80 -25.31 2.38
N LYS A 594 27.92 -26.49 2.97
CA LYS A 594 27.63 -27.74 2.27
C LYS A 594 26.15 -28.10 2.40
N VAL A 595 25.51 -28.35 1.25
CA VAL A 595 24.09 -28.72 1.22
C VAL A 595 23.92 -30.23 1.22
N SER A 596 23.41 -30.76 2.34
CA SER A 596 23.03 -32.16 2.45
C SER A 596 21.51 -32.28 2.46
N LEU A 597 20.97 -33.17 1.64
CA LEU A 597 19.52 -33.24 1.44
C LEU A 597 18.92 -34.64 1.58
N GLU A 598 17.85 -34.72 2.38
CA GLU A 598 17.09 -35.96 2.58
C GLU A 598 15.75 -35.89 1.84
N TYR A 599 14.98 -36.97 1.89
CA TYR A 599 13.70 -37.05 1.20
C TYR A 599 12.61 -37.72 2.03
N ARG A 600 11.38 -37.22 1.88
CA ARG A 600 10.22 -37.83 2.55
C ARG A 600 9.06 -38.05 1.58
N PRO A 601 8.24 -39.09 1.82
CA PRO A 601 7.14 -39.43 0.92
C PRO A 601 6.03 -38.37 0.91
N VAL A 602 5.38 -38.22 -0.24
CA VAL A 602 4.24 -37.32 -0.39
C VAL A 602 3.00 -37.93 0.27
N ILE A 603 2.13 -37.07 0.81
CA ILE A 603 0.87 -37.53 1.41
C ILE A 603 -0.16 -37.65 0.30
N ASP A 604 -0.65 -38.87 0.09
CA ASP A 604 -1.63 -39.15 -0.96
C ASP A 604 -3.05 -39.30 -0.41
N LYS A 605 -3.17 -39.82 0.80
CA LYS A 605 -4.47 -40.01 1.44
C LYS A 605 -5.11 -38.67 1.83
N THR A 606 -6.41 -38.57 1.61
CA THR A 606 -7.17 -37.37 1.96
C THR A 606 -7.61 -37.43 3.42
N LEU A 607 -8.27 -36.36 3.89
CA LEU A 607 -8.80 -36.31 5.25
C LEU A 607 -9.97 -37.28 5.43
N ASN A 608 -10.77 -37.44 4.38
CA ASN A 608 -11.83 -38.44 4.33
C ASN A 608 -12.03 -38.94 2.91
N GLU A 609 -11.75 -40.24 2.70
CA GLU A 609 -11.88 -40.88 1.39
C GLU A 609 -13.33 -40.88 0.90
N ALA A 610 -14.27 -41.04 1.83
CA ALA A 610 -15.69 -41.06 1.52
C ALA A 610 -16.20 -39.70 1.03
N ASP A 611 -15.72 -38.63 1.67
CA ASP A 611 -16.15 -37.28 1.33
C ASP A 611 -15.39 -36.70 0.13
N CYS A 612 -14.11 -37.06 0.01
CA CYS A 612 -13.27 -36.61 -1.10
C CYS A 612 -12.30 -37.71 -1.52
N ALA A 613 -12.38 -38.10 -2.80
CA ALA A 613 -11.61 -39.20 -3.34
C ALA A 613 -10.14 -38.85 -3.57
N THR A 614 -9.26 -39.81 -3.32
CA THR A 614 -7.83 -39.69 -3.60
C THR A 614 -7.61 -39.76 -5.11
N VAL A 615 -6.89 -38.78 -5.65
CA VAL A 615 -6.59 -38.72 -7.08
C VAL A 615 -5.24 -39.36 -7.37
N PRO A 616 -5.25 -40.48 -8.13
CA PRO A 616 -4.01 -41.17 -8.52
C PRO A 616 -3.28 -40.41 -9.64
N PRO A 617 -1.94 -40.57 -9.71
CA PRO A 617 -1.15 -39.92 -10.77
C PRO A 617 -1.61 -40.27 -12.19
N ALA A 618 -1.58 -39.26 -13.06
CA ALA A 618 -2.00 -39.42 -14.45
C ALA A 618 -1.08 -38.65 -15.39
N ILE A 619 -1.37 -38.74 -16.70
CA ILE A 619 -0.61 -38.01 -17.71
C ILE A 619 -0.85 -36.50 -17.59
N ARG A 620 0.14 -35.80 -17.05
CA ARG A 620 0.07 -34.36 -16.83
C ARG A 620 0.23 -33.59 -18.15
N SER A 621 -0.91 -33.19 -18.71
CA SER A 621 -0.96 -32.41 -19.96
C SER A 621 -2.32 -31.75 -20.14
N TYR A 622 -2.31 -30.48 -20.53
CA TYR A 622 -3.55 -29.74 -20.78
C TYR A 622 -3.71 -29.44 -22.27
N PRO B 9 27.04 9.16 -23.38
CA PRO B 9 27.04 9.51 -21.97
C PRO B 9 26.04 10.62 -21.66
N ARG B 10 25.21 10.40 -20.64
CA ARG B 10 24.17 11.35 -20.24
C ARG B 10 24.07 11.44 -18.72
N ILE B 11 24.91 12.30 -18.12
CA ILE B 11 24.95 12.47 -16.66
C ILE B 11 23.80 13.33 -16.14
N LYS B 12 23.19 12.89 -15.04
CA LYS B 12 22.07 13.60 -14.42
C LYS B 12 22.39 13.95 -12.96
N LYS B 13 22.14 15.20 -12.60
CA LYS B 13 22.41 15.69 -11.24
C LYS B 13 21.20 15.47 -10.32
N PHE B 14 21.46 14.89 -9.15
CA PHE B 14 20.43 14.67 -8.14
C PHE B 14 20.79 15.37 -6.82
N ALA B 15 19.88 16.22 -6.36
CA ALA B 15 20.02 16.88 -5.07
C ALA B 15 19.13 16.20 -4.05
N ILE B 16 19.74 15.52 -3.07
CA ILE B 16 19.00 14.72 -2.10
C ILE B 16 19.18 15.22 -0.66
N TYR B 17 18.07 15.27 0.07
CA TYR B 17 18.03 15.62 1.48
C TYR B 17 18.74 14.54 2.31
N ARG B 18 19.68 14.97 3.16
CA ARG B 18 20.46 14.03 3.97
C ARG B 18 20.60 14.49 5.42
N TRP B 19 20.33 13.58 6.35
CA TRP B 19 20.51 13.81 7.78
C TRP B 19 20.80 12.51 8.53
N ASP B 20 21.91 12.50 9.26
CA ASP B 20 22.34 11.33 10.02
C ASP B 20 22.10 11.55 11.52
N PRO B 21 21.14 10.79 12.12
CA PRO B 21 20.83 10.88 13.55
C PRO B 21 21.88 10.23 14.45
N ASP B 22 22.76 9.42 13.85
CA ASP B 22 23.80 8.72 14.60
C ASP B 22 25.11 9.52 14.70
N LYS B 23 25.05 10.79 14.30
CA LYS B 23 26.19 11.69 14.38
C LYS B 23 25.79 12.97 15.11
N THR B 24 26.63 13.39 16.07
CA THR B 24 26.38 14.59 16.86
C THR B 24 26.75 15.84 16.06
N GLY B 25 25.84 16.82 16.06
CA GLY B 25 26.07 18.09 15.39
C GLY B 25 25.73 18.10 13.91
N ASP B 26 25.17 16.99 13.43
CA ASP B 26 24.79 16.86 12.03
C ASP B 26 23.48 17.58 11.76
N LYS B 27 23.52 18.59 10.90
CA LYS B 27 22.32 19.33 10.50
C LYS B 27 21.80 18.85 9.14
N PRO B 28 20.51 19.11 8.84
CA PRO B 28 19.96 18.76 7.52
C PRO B 28 20.71 19.45 6.39
N HIS B 29 21.30 18.65 5.49
CA HIS B 29 22.08 19.17 4.37
C HIS B 29 21.80 18.41 3.08
N MET B 30 22.02 19.08 1.95
CA MET B 30 21.80 18.50 0.63
C MET B 30 23.06 17.84 0.08
N GLN B 31 22.89 16.69 -0.55
CA GLN B 31 24.01 15.96 -1.16
C GLN B 31 23.78 15.72 -2.64
N THR B 32 24.83 15.93 -3.44
CA THR B 32 24.74 15.85 -4.89
C THR B 32 25.35 14.56 -5.44
N TYR B 33 24.67 13.95 -6.39
CA TYR B 33 25.15 12.74 -7.07
C TYR B 33 25.00 12.87 -8.58
N GLU B 34 25.95 12.28 -9.31
CA GLU B 34 25.88 12.25 -10.78
C GLU B 34 25.71 10.82 -11.29
N ILE B 35 24.72 10.62 -12.15
CA ILE B 35 24.37 9.28 -12.65
C ILE B 35 24.07 9.30 -14.16
N ASP B 36 24.67 8.34 -14.87
CA ASP B 36 24.39 8.13 -16.29
C ASP B 36 23.02 7.49 -16.47
N LEU B 37 22.17 8.14 -17.27
CA LEU B 37 20.79 7.69 -17.48
C LEU B 37 20.68 6.44 -18.36
N ASN B 38 21.71 6.19 -19.16
CA ASN B 38 21.76 5.01 -20.02
C ASN B 38 22.01 3.72 -19.24
N ASN B 39 22.72 3.84 -18.12
CA ASN B 39 22.98 2.73 -17.21
C ASN B 39 21.86 2.54 -16.18
N CYS B 40 20.99 3.55 -16.07
CA CYS B 40 19.93 3.57 -15.07
C CYS B 40 18.55 3.32 -15.67
N GLY B 41 17.61 2.92 -14.81
CA GLY B 41 16.21 2.75 -15.21
C GLY B 41 15.50 4.07 -15.42
N PRO B 42 14.24 4.02 -15.91
CA PRO B 42 13.49 5.24 -16.22
C PRO B 42 13.04 6.02 -14.98
N MET B 43 12.71 5.31 -13.91
CA MET B 43 12.07 5.91 -12.73
C MET B 43 13.06 6.52 -11.73
N VAL B 44 12.53 7.32 -10.81
CA VAL B 44 13.32 7.99 -9.77
C VAL B 44 13.89 6.99 -8.76
N LEU B 45 13.08 5.99 -8.40
CA LEU B 45 13.50 4.95 -7.46
C LEU B 45 14.68 4.14 -8.00
N ASP B 46 14.71 3.94 -9.31
CA ASP B 46 15.82 3.24 -9.98
C ASP B 46 17.14 3.96 -9.73
N ALA B 47 17.11 5.29 -9.77
CA ALA B 47 18.27 6.13 -9.49
C ALA B 47 18.63 6.11 -8.00
N LEU B 48 17.61 6.08 -7.15
CA LEU B 48 17.80 5.98 -5.70
C LEU B 48 18.45 4.66 -5.31
N ILE B 49 18.03 3.59 -6.01
CA ILE B 49 18.62 2.26 -5.84
C ILE B 49 20.04 2.22 -6.41
N LYS B 50 20.26 2.90 -7.53
CA LYS B 50 21.55 2.90 -8.21
C LYS B 50 22.67 3.56 -7.39
N ILE B 51 22.39 4.74 -6.83
CA ILE B 51 23.38 5.43 -5.99
C ILE B 51 23.61 4.69 -4.68
N LYS B 52 22.56 4.00 -4.20
CA LYS B 52 22.64 3.15 -3.02
C LYS B 52 23.55 1.95 -3.27
N ASN B 53 23.45 1.38 -4.47
CA ASN B 53 24.21 0.19 -4.85
C ASN B 53 25.61 0.47 -5.36
N GLU B 54 25.83 1.66 -5.93
CA GLU B 54 27.09 1.97 -6.59
C GLU B 54 27.89 3.09 -5.91
N ILE B 55 27.24 4.22 -5.66
CA ILE B 55 27.93 5.42 -5.18
C ILE B 55 27.98 5.51 -3.65
N ASP B 56 26.84 5.74 -3.03
CA ASP B 56 26.75 5.92 -1.58
C ASP B 56 25.67 5.04 -0.97
N SER B 57 26.09 4.06 -0.17
CA SER B 57 25.17 3.15 0.51
C SER B 57 24.70 3.70 1.86
N THR B 58 25.13 4.92 2.18
CA THR B 58 24.72 5.60 3.41
C THR B 58 23.30 6.18 3.27
N LEU B 59 22.82 6.29 2.04
CA LEU B 59 21.45 6.72 1.77
C LEU B 59 20.45 5.69 2.28
N THR B 60 19.44 6.18 2.98
CA THR B 60 18.43 5.33 3.60
C THR B 60 17.04 5.77 3.16
N PHE B 61 16.26 4.86 2.59
CA PHE B 61 14.92 5.18 2.11
C PHE B 61 13.98 3.97 2.08
N ARG B 62 12.68 4.23 2.05
CA ARG B 62 11.67 3.18 1.99
C ARG B 62 11.42 2.74 0.54
N ARG B 63 11.50 1.43 0.32
CA ARG B 63 11.17 0.83 -0.98
C ARG B 63 10.66 -0.59 -0.78
N SER B 64 9.84 -1.07 -1.72
CA SER B 64 9.33 -2.44 -1.68
C SER B 64 8.92 -2.98 -3.04
N CYS B 65 7.69 -2.67 -3.46
CA CYS B 65 7.08 -3.28 -4.65
C CYS B 65 7.64 -2.78 -5.99
N ARG B 66 8.13 -1.54 -6.00
CA ARG B 66 8.47 -0.82 -7.24
C ARG B 66 7.44 -1.04 -8.36
N GLU B 67 6.17 -0.98 -7.99
CA GLU B 67 5.06 -1.23 -8.90
C GLU B 67 4.05 -0.08 -8.81
N GLY B 68 4.01 0.58 -7.67
CA GLY B 68 3.13 1.72 -7.44
C GLY B 68 1.87 1.38 -6.65
N ILE B 69 1.90 0.26 -5.94
CA ILE B 69 0.74 -0.22 -5.20
C ILE B 69 0.97 -0.46 -3.70
N CYS B 70 2.23 -0.44 -3.27
CA CYS B 70 2.55 -0.61 -1.85
C CYS B 70 2.64 0.75 -1.13
N GLY B 71 3.19 1.74 -1.83
CA GLY B 71 3.28 3.11 -1.30
C GLY B 71 4.38 3.31 -0.29
N SER B 72 5.55 2.73 -0.56
CA SER B 72 6.73 2.88 0.30
C SER B 72 7.54 4.12 -0.09
N CYS B 73 7.80 4.25 -1.39
CA CYS B 73 8.66 5.33 -1.91
C CYS B 73 7.96 6.70 -1.99
N ALA B 74 7.10 6.97 -1.00
CA ALA B 74 6.38 8.24 -0.94
C ALA B 74 7.32 9.36 -0.48
N MET B 75 7.62 10.27 -1.40
CA MET B 75 8.54 11.38 -1.15
C MET B 75 8.22 12.59 -2.03
N ASN B 76 8.85 13.72 -1.71
CA ASN B 76 8.68 14.95 -2.47
C ASN B 76 9.70 15.07 -3.60
N ILE B 77 9.22 14.97 -4.84
CA ILE B 77 10.07 15.09 -6.02
C ILE B 77 9.73 16.38 -6.78
N ASN B 78 10.71 17.28 -6.84
CA ASN B 78 10.58 18.57 -7.53
C ASN B 78 9.37 19.42 -7.08
N GLY B 79 9.07 19.37 -5.78
CA GLY B 79 7.95 20.11 -5.20
C GLY B 79 6.61 19.43 -5.37
N GLY B 80 6.62 18.09 -5.36
CA GLY B 80 5.40 17.31 -5.52
C GLY B 80 5.50 15.95 -4.85
N ASN B 81 4.52 15.63 -4.01
CA ASN B 81 4.51 14.38 -3.26
C ASN B 81 3.91 13.22 -4.07
N THR B 82 4.77 12.52 -4.79
CA THR B 82 4.36 11.37 -5.60
C THR B 82 5.29 10.18 -5.37
N LEU B 83 4.89 9.02 -5.89
CA LEU B 83 5.70 7.80 -5.76
C LEU B 83 6.91 7.84 -6.68
N ALA B 84 8.06 7.41 -6.16
CA ALA B 84 9.33 7.46 -6.89
C ALA B 84 9.43 6.41 -8.00
N CYS B 85 8.72 5.30 -7.83
CA CYS B 85 8.69 4.24 -8.85
C CYS B 85 7.61 4.48 -9.91
N THR B 86 6.71 5.41 -9.63
CA THR B 86 5.66 5.79 -10.58
C THR B 86 6.13 6.95 -11.46
N ARG B 87 6.76 7.94 -10.84
CA ARG B 87 7.28 9.09 -11.57
C ARG B 87 8.67 8.79 -12.13
N ARG B 88 8.89 9.22 -13.38
CA ARG B 88 10.18 9.04 -14.04
C ARG B 88 11.04 10.30 -13.98
N ILE B 89 12.36 10.11 -14.05
CA ILE B 89 13.32 11.22 -14.03
C ILE B 89 13.19 12.06 -15.29
N ASP B 90 13.26 13.38 -15.12
CA ASP B 90 13.23 14.30 -16.25
C ASP B 90 14.51 14.16 -17.05
N THR B 91 14.37 13.76 -18.32
CA THR B 91 15.50 13.50 -19.21
C THR B 91 16.35 14.76 -19.49
N ASN B 92 15.74 15.92 -19.29
CA ASN B 92 16.43 17.21 -19.43
C ASN B 92 17.60 17.32 -18.44
N LEU B 93 18.81 17.34 -18.99
CA LEU B 93 20.03 17.33 -18.19
C LEU B 93 20.34 18.69 -17.55
N ASP B 94 19.71 19.75 -18.07
CA ASP B 94 19.89 21.10 -17.55
C ASP B 94 19.28 21.29 -16.16
N LYS B 95 18.16 20.62 -15.91
CA LYS B 95 17.47 20.69 -14.62
C LYS B 95 18.03 19.68 -13.63
N VAL B 96 18.20 20.10 -12.38
CA VAL B 96 18.64 19.22 -11.30
C VAL B 96 17.44 18.79 -10.45
N SER B 97 17.28 17.48 -10.30
CA SER B 97 16.16 16.92 -9.54
C SER B 97 16.39 17.05 -8.04
N LYS B 98 15.44 17.71 -7.37
CA LYS B 98 15.49 17.88 -5.91
C LYS B 98 14.58 16.87 -5.21
N ILE B 99 15.19 16.02 -4.40
CA ILE B 99 14.48 14.96 -3.69
C ILE B 99 14.39 15.29 -2.19
N TYR B 100 13.16 15.39 -1.70
CA TYR B 100 12.89 15.76 -0.32
C TYR B 100 11.94 14.77 0.36
N PRO B 101 11.95 14.73 1.72
CA PRO B 101 10.97 13.93 2.45
C PRO B 101 9.59 14.56 2.42
N LEU B 102 8.57 13.81 2.82
CA LEU B 102 7.20 14.31 2.89
C LEU B 102 7.13 15.53 3.80
N PRO B 103 6.56 16.64 3.30
CA PRO B 103 6.56 17.95 3.96
C PRO B 103 5.99 17.96 5.37
N HIS B 104 6.57 18.81 6.22
CA HIS B 104 6.18 18.97 7.63
C HIS B 104 6.00 17.64 8.36
N MET B 105 7.05 16.82 8.33
CA MET B 105 7.06 15.53 9.02
C MET B 105 8.40 15.33 9.73
N TYR B 106 8.36 14.64 10.87
CA TYR B 106 9.56 14.35 11.63
C TYR B 106 10.44 13.34 10.90
N VAL B 107 11.62 13.80 10.48
CA VAL B 107 12.56 12.98 9.73
C VAL B 107 13.31 12.03 10.67
N ILE B 108 13.22 10.74 10.39
CA ILE B 108 13.94 9.72 11.15
C ILE B 108 15.39 9.66 10.67
N LYS B 109 15.56 9.50 9.36
CA LYS B 109 16.87 9.49 8.71
C LYS B 109 16.69 9.44 7.19
N ASP B 110 17.22 10.44 6.49
CA ASP B 110 17.25 10.50 5.02
C ASP B 110 15.92 10.12 4.36
N LEU B 111 15.07 11.11 4.09
CA LEU B 111 13.82 10.89 3.34
C LEU B 111 12.83 9.89 3.96
N VAL B 112 13.10 9.43 5.18
CA VAL B 112 12.21 8.52 5.88
C VAL B 112 11.41 9.26 6.95
N PRO B 113 10.14 9.55 6.67
CA PRO B 113 9.28 10.31 7.59
C PRO B 113 8.58 9.41 8.61
N ASP B 114 8.39 9.95 9.82
CA ASP B 114 7.67 9.25 10.87
C ASP B 114 6.16 9.33 10.60
N LEU B 115 5.60 8.19 10.21
CA LEU B 115 4.17 8.12 9.88
C LEU B 115 3.34 7.49 10.99
N SER B 116 3.92 7.46 12.20
CA SER B 116 3.25 6.89 13.38
C SER B 116 1.92 7.55 13.68
N ASN B 117 1.87 8.87 13.54
CA ASN B 117 0.63 9.64 13.73
C ASN B 117 -0.37 9.40 12.61
N PHE B 118 0.14 9.29 11.38
CA PHE B 118 -0.69 9.03 10.20
C PHE B 118 -1.45 7.71 10.31
N TYR B 119 -0.74 6.65 10.69
CA TYR B 119 -1.33 5.32 10.84
C TYR B 119 -2.31 5.26 12.02
N ALA B 120 -2.00 6.00 13.08
CA ALA B 120 -2.83 6.04 14.28
C ALA B 120 -4.17 6.73 14.04
N GLN B 121 -4.18 7.73 13.16
CA GLN B 121 -5.41 8.42 12.75
C GLN B 121 -6.33 7.50 11.95
N TYR B 122 -5.71 6.64 11.14
CA TYR B 122 -6.43 5.64 10.34
C TYR B 122 -7.12 4.60 11.23
N LYS B 123 -6.55 4.38 12.41
CA LYS B 123 -7.12 3.47 13.39
C LYS B 123 -8.36 4.07 14.07
N SER B 124 -8.34 5.40 14.24
CA SER B 124 -9.40 6.10 14.98
C SER B 124 -10.75 6.17 14.24
N ILE B 125 -10.71 6.05 12.91
CA ILE B 125 -11.93 6.09 12.10
C ILE B 125 -12.61 4.73 12.00
N GLU B 126 -11.93 3.68 12.47
CA GLU B 126 -12.40 2.29 12.41
C GLU B 126 -12.68 1.83 10.97
N PRO B 127 -11.62 1.44 10.24
CA PRO B 127 -11.75 1.07 8.83
C PRO B 127 -12.11 -0.41 8.62
N TYR B 128 -13.21 -0.83 9.23
CA TYR B 128 -13.71 -2.19 9.10
C TYR B 128 -15.24 -2.23 9.09
N LEU B 129 -15.80 -3.24 8.42
CA LEU B 129 -17.25 -3.37 8.29
C LEU B 129 -17.89 -3.63 9.65
N LYS B 130 -18.91 -2.84 9.97
CA LYS B 130 -19.63 -2.98 11.23
C LYS B 130 -21.12 -3.23 11.01
N LYS B 131 -21.55 -4.45 11.34
CA LYS B 131 -22.96 -4.82 11.25
C LYS B 131 -23.62 -4.75 12.63
N LYS B 132 -24.94 -4.51 12.63
CA LYS B 132 -25.71 -4.48 13.88
C LYS B 132 -25.84 -5.88 14.47
N ASP B 133 -26.08 -6.87 13.60
CA ASP B 133 -26.17 -8.26 14.01
C ASP B 133 -24.97 -9.05 13.47
N GLU B 134 -23.97 -9.22 14.34
CA GLU B 134 -22.74 -9.92 13.97
C GLU B 134 -22.75 -11.39 14.39
N SER B 135 -23.91 -11.87 14.84
CA SER B 135 -24.06 -13.26 15.25
C SER B 135 -24.24 -14.20 14.05
N GLN B 136 -24.70 -13.65 12.93
CA GLN B 136 -24.97 -14.41 11.72
C GLN B 136 -23.91 -14.23 10.63
N GLU B 137 -22.78 -13.61 11.00
CA GLU B 137 -21.70 -13.37 10.04
C GLU B 137 -20.73 -14.55 9.95
N GLY B 138 -19.99 -14.61 8.83
CA GLY B 138 -18.99 -15.66 8.61
C GLY B 138 -19.56 -16.95 8.06
N LYS B 139 -20.80 -16.92 7.61
CA LYS B 139 -21.46 -18.12 7.06
C LYS B 139 -22.13 -17.89 5.70
N GLN B 140 -22.49 -16.64 5.41
CA GLN B 140 -23.05 -16.29 4.11
C GLN B 140 -22.48 -14.97 3.59
N GLN B 141 -22.42 -14.85 2.27
CA GLN B 141 -21.96 -13.62 1.61
C GLN B 141 -23.06 -12.56 1.57
N TYR B 142 -22.69 -11.31 1.86
CA TYR B 142 -23.64 -10.20 1.82
C TYR B 142 -23.93 -9.78 0.38
N LEU B 143 -25.19 -9.45 0.12
CA LEU B 143 -25.63 -9.01 -1.20
C LEU B 143 -25.34 -7.52 -1.41
N GLN B 144 -24.70 -7.21 -2.54
CA GLN B 144 -24.43 -5.84 -2.94
C GLN B 144 -24.58 -5.73 -4.46
N SER B 145 -25.42 -4.79 -4.91
CA SER B 145 -25.71 -4.62 -6.33
C SER B 145 -24.53 -3.99 -7.07
N ILE B 146 -24.54 -4.11 -8.40
CA ILE B 146 -23.48 -3.55 -9.26
C ILE B 146 -23.38 -2.02 -9.15
N GLU B 147 -24.50 -1.36 -8.90
CA GLU B 147 -24.53 0.09 -8.72
C GLU B 147 -23.96 0.50 -7.36
N GLU B 148 -24.30 -0.28 -6.33
CA GLU B 148 -23.80 -0.05 -4.97
C GLU B 148 -22.29 -0.27 -4.88
N ARG B 149 -21.78 -1.18 -5.71
CA ARG B 149 -20.34 -1.45 -5.80
C ARG B 149 -19.61 -0.30 -6.51
N GLU B 150 -20.28 0.30 -7.49
CA GLU B 150 -19.71 1.44 -8.24
C GLU B 150 -19.46 2.68 -7.37
N LYS B 151 -20.16 2.74 -6.24
CA LYS B 151 -19.96 3.83 -5.27
C LYS B 151 -18.64 3.70 -4.52
N LEU B 152 -18.11 2.48 -4.46
CA LEU B 152 -16.82 2.21 -3.81
C LEU B 152 -15.64 2.48 -4.74
N ASP B 153 -15.90 2.53 -6.04
CA ASP B 153 -14.88 2.84 -7.04
C ASP B 153 -14.32 4.24 -6.85
N GLY B 154 -13.00 4.36 -7.03
CA GLY B 154 -12.32 5.64 -6.82
C GLY B 154 -12.13 5.99 -5.36
N LEU B 155 -12.25 4.98 -4.50
CA LEU B 155 -12.13 5.18 -3.05
C LEU B 155 -11.30 4.07 -2.38
N TYR B 156 -11.54 2.82 -2.77
CA TYR B 156 -10.86 1.67 -2.19
C TYR B 156 -9.40 1.56 -2.63
N GLU B 157 -9.07 2.17 -3.77
CA GLU B 157 -7.74 2.08 -4.38
C GLU B 157 -6.65 2.83 -3.61
N CYS B 158 -7.05 3.53 -2.55
CA CYS B 158 -6.12 4.29 -1.71
C CYS B 158 -5.04 3.39 -1.12
N ILE B 159 -3.78 3.77 -1.37
CA ILE B 159 -2.62 3.00 -0.97
C ILE B 159 -2.18 3.33 0.46
N LEU B 160 -2.66 4.47 0.96
CA LEU B 160 -2.24 5.03 2.25
C LEU B 160 -0.74 5.36 2.25
N CYS B 161 -0.28 5.93 1.14
CA CYS B 161 1.11 6.34 0.97
C CYS B 161 1.42 7.63 1.75
N ALA B 162 0.35 8.34 2.11
CA ALA B 162 0.43 9.64 2.79
C ALA B 162 1.12 10.71 1.92
N CYS B 163 0.58 10.90 0.72
CA CYS B 163 1.04 11.94 -0.19
C CYS B 163 0.10 13.14 -0.17
N CYS B 164 -1.20 12.86 -0.08
CA CYS B 164 -2.24 13.88 -0.08
C CYS B 164 -2.32 14.61 1.27
N SER B 165 -2.22 13.85 2.35
CA SER B 165 -2.28 14.42 3.70
C SER B 165 -1.09 15.31 4.01
N THR B 166 0.08 14.91 3.50
CA THR B 166 1.32 15.65 3.75
C THR B 166 1.52 16.83 2.80
N SER B 167 0.54 17.05 1.91
CA SER B 167 0.63 18.13 0.93
C SER B 167 -0.14 19.38 1.34
N CYS B 168 -1.23 19.21 2.09
CA CYS B 168 -2.05 20.34 2.52
C CYS B 168 -1.49 21.02 3.76
N PRO B 169 -1.61 22.36 3.82
CA PRO B 169 -1.11 23.14 4.95
C PRO B 169 -1.92 22.93 6.24
N SER B 170 -3.17 22.49 6.10
CA SER B 170 -4.01 22.22 7.27
C SER B 170 -3.53 21.02 8.07
N TYR B 171 -2.83 20.11 7.42
CA TYR B 171 -2.18 18.98 8.09
C TYR B 171 -0.78 19.37 8.55
N TRP B 172 -0.25 20.47 7.99
CA TRP B 172 1.02 21.02 8.46
C TRP B 172 0.82 21.79 9.76
N TRP B 173 -0.09 22.75 9.74
CA TRP B 173 -0.34 23.62 10.90
C TRP B 173 -1.16 22.92 11.99
N ASN B 174 -2.01 21.98 11.60
CA ASN B 174 -2.84 21.22 12.54
C ASN B 174 -2.72 19.72 12.34
N GLY B 175 -1.52 19.20 12.62
CA GLY B 175 -1.22 17.78 12.39
C GLY B 175 -1.84 16.83 13.40
N ASP B 176 -1.86 17.24 14.67
CA ASP B 176 -2.34 16.41 15.77
C ASP B 176 -3.86 16.18 15.76
N LYS B 177 -4.62 17.26 15.59
CA LYS B 177 -6.09 17.20 15.69
C LYS B 177 -6.78 16.82 14.37
N TYR B 178 -6.35 17.45 13.27
CA TYR B 178 -6.96 17.21 11.96
C TYR B 178 -6.49 15.88 11.35
N LEU B 179 -7.44 15.11 10.84
CA LEU B 179 -7.18 13.76 10.35
C LEU B 179 -6.46 13.72 9.00
N GLY B 180 -6.86 14.60 8.08
CA GLY B 180 -6.27 14.65 6.75
C GLY B 180 -7.06 13.89 5.71
N PRO B 181 -6.88 14.24 4.42
CA PRO B 181 -7.61 13.69 3.27
C PRO B 181 -7.60 12.15 3.18
N ALA B 182 -6.42 11.54 3.34
CA ALA B 182 -6.27 10.09 3.24
C ALA B 182 -7.15 9.35 4.23
N VAL B 183 -7.14 9.82 5.48
CA VAL B 183 -7.89 9.22 6.57
C VAL B 183 -9.40 9.51 6.43
N LEU B 184 -9.73 10.75 6.07
CA LEU B 184 -11.12 11.16 5.90
C LEU B 184 -11.79 10.49 4.70
N MET B 185 -11.01 10.27 3.64
CA MET B 185 -11.51 9.59 2.45
C MET B 185 -11.94 8.17 2.76
N GLN B 186 -11.16 7.49 3.60
CA GLN B 186 -11.44 6.12 4.01
C GLN B 186 -12.64 6.04 4.95
N ALA B 187 -12.85 7.08 5.75
CA ALA B 187 -14.05 7.19 6.58
C ALA B 187 -15.29 7.26 5.69
N TYR B 188 -15.17 7.99 4.59
CA TYR B 188 -16.23 8.10 3.58
C TYR B 188 -16.36 6.80 2.78
N ARG B 189 -15.23 6.13 2.57
CA ARG B 189 -15.18 4.84 1.86
C ARG B 189 -16.02 3.78 2.56
N TRP B 190 -16.15 3.90 3.88
CA TRP B 190 -16.96 2.98 4.67
C TRP B 190 -18.38 3.50 4.91
N MET B 191 -18.60 4.79 4.61
CA MET B 191 -19.91 5.41 4.76
C MET B 191 -20.89 4.95 3.68
N ILE B 192 -20.47 5.05 2.42
CA ILE B 192 -21.34 4.71 1.28
C ILE B 192 -21.50 3.20 1.07
N ASP B 193 -20.61 2.42 1.69
CA ASP B 193 -20.68 0.97 1.63
C ASP B 193 -22.01 0.50 2.22
N SER B 194 -22.87 -0.04 1.35
CA SER B 194 -24.23 -0.44 1.72
C SER B 194 -24.28 -1.54 2.78
N ARG B 195 -23.17 -2.25 2.94
CA ARG B 195 -23.04 -3.31 3.92
C ARG B 195 -22.87 -2.77 5.34
N ASP B 196 -22.31 -1.56 5.45
CA ASP B 196 -22.10 -0.92 6.74
C ASP B 196 -23.40 -0.33 7.28
N ASP B 197 -23.66 -0.57 8.57
CA ASP B 197 -24.87 -0.09 9.23
C ASP B 197 -24.60 1.06 10.18
N PHE B 198 -23.31 1.34 10.41
CA PHE B 198 -22.89 2.33 11.40
C PHE B 198 -22.62 3.72 10.77
N THR B 199 -23.26 3.98 9.63
CA THR B 199 -23.06 5.22 8.87
C THR B 199 -23.35 6.48 9.70
N GLU B 200 -24.40 6.44 10.52
CA GLU B 200 -24.82 7.58 11.33
C GLU B 200 -23.81 7.93 12.42
N GLU B 201 -23.31 6.90 13.12
CA GLU B 201 -22.35 7.10 14.20
C GLU B 201 -20.91 7.34 13.72
N ARG B 202 -20.66 7.01 12.44
CA ARG B 202 -19.38 7.34 11.81
C ARG B 202 -19.28 8.84 11.54
N LEU B 203 -20.42 9.44 11.20
CA LEU B 203 -20.51 10.89 10.98
C LEU B 203 -20.49 11.63 12.32
N ALA B 204 -21.07 11.02 13.35
CA ALA B 204 -21.11 11.59 14.70
C ALA B 204 -19.72 11.62 15.35
N LYS B 205 -18.77 10.89 14.75
CA LYS B 205 -17.39 10.84 15.23
C LYS B 205 -16.59 12.05 14.76
N LEU B 206 -17.13 12.76 13.77
CA LEU B 206 -16.47 13.93 13.18
C LEU B 206 -17.13 15.26 13.62
N GLN B 207 -17.96 15.19 14.65
CA GLN B 207 -18.73 16.36 15.11
C GLN B 207 -17.93 17.36 15.96
N ASP B 208 -16.61 17.39 15.75
CA ASP B 208 -15.75 18.39 16.36
C ASP B 208 -15.07 19.21 15.26
N PRO B 209 -14.75 20.49 15.56
CA PRO B 209 -14.22 21.42 14.54
C PRO B 209 -12.91 20.98 13.89
N PHE B 210 -12.06 20.29 14.63
CA PHE B 210 -10.72 19.95 14.18
C PHE B 210 -10.62 18.72 13.28
N SER B 211 -11.38 17.67 13.61
CA SER B 211 -11.28 16.37 12.92
C SER B 211 -11.60 16.43 11.42
N LEU B 212 -12.66 17.14 11.07
CA LEU B 212 -13.10 17.24 9.67
C LEU B 212 -13.11 18.68 9.15
N TYR B 213 -13.69 19.59 9.94
CA TYR B 213 -13.93 20.96 9.49
C TYR B 213 -12.69 21.86 9.46
N ARG B 214 -11.52 21.25 9.55
CA ARG B 214 -10.25 21.97 9.44
C ARG B 214 -9.80 22.03 7.97
N CYS B 215 -10.61 21.44 7.09
CA CYS B 215 -10.40 21.51 5.66
C CYS B 215 -11.02 22.78 5.09
N HIS B 216 -10.30 23.45 4.20
CA HIS B 216 -10.76 24.73 3.64
C HIS B 216 -10.80 24.72 2.11
N THR B 217 -10.90 23.51 1.54
CA THR B 217 -10.93 23.30 0.08
C THR B 217 -9.74 23.95 -0.64
N ILE B 218 -8.55 23.75 -0.09
CA ILE B 218 -7.31 24.28 -0.67
C ILE B 218 -6.90 23.47 -1.90
N MET B 219 -7.27 22.18 -1.91
CA MET B 219 -7.13 21.30 -3.08
C MET B 219 -5.69 20.95 -3.46
N ASN B 220 -4.83 20.77 -2.46
CA ASN B 220 -3.47 20.28 -2.68
C ASN B 220 -3.38 18.76 -2.61
N CYS B 221 -4.35 18.15 -1.95
CA CYS B 221 -4.41 16.71 -1.76
C CYS B 221 -4.62 15.94 -3.06
N THR B 222 -5.68 16.31 -3.79
CA THR B 222 -6.07 15.61 -5.01
C THR B 222 -5.14 15.89 -6.19
N GLY B 223 -4.41 17.00 -6.12
CA GLY B 223 -3.48 17.38 -7.17
C GLY B 223 -2.19 16.59 -7.16
N THR B 224 -1.88 15.98 -6.02
CA THR B 224 -0.62 15.27 -5.83
C THR B 224 -0.76 13.74 -5.75
N CYS B 225 -1.99 13.25 -5.80
CA CYS B 225 -2.27 11.81 -5.69
C CYS B 225 -1.65 11.01 -6.83
N PRO B 226 -0.86 9.97 -6.49
CA PRO B 226 -0.21 9.11 -7.47
C PRO B 226 -1.19 8.20 -8.21
N LYS B 227 -2.26 7.78 -7.52
CA LYS B 227 -3.25 6.88 -8.08
C LYS B 227 -4.35 7.62 -8.85
N GLY B 228 -4.31 8.95 -8.80
CA GLY B 228 -5.27 9.79 -9.51
C GLY B 228 -6.63 9.86 -8.84
N LEU B 229 -6.65 9.61 -7.53
CA LEU B 229 -7.88 9.66 -6.74
C LEU B 229 -8.19 11.08 -6.29
N ASN B 230 -9.46 11.33 -5.97
CA ASN B 230 -9.92 12.64 -5.54
C ASN B 230 -10.46 12.61 -4.10
N PRO B 231 -9.58 12.82 -3.11
CA PRO B 231 -10.03 12.87 -1.72
C PRO B 231 -10.91 14.08 -1.44
N GLY B 232 -10.59 15.20 -2.09
CA GLY B 232 -11.37 16.44 -1.92
C GLY B 232 -12.84 16.29 -2.27
N LYS B 233 -13.12 15.57 -3.36
CA LYS B 233 -14.48 15.24 -3.78
C LYS B 233 -15.22 14.47 -2.67
N ALA B 234 -14.51 13.54 -2.04
CA ALA B 234 -15.05 12.75 -0.94
C ALA B 234 -15.23 13.59 0.32
N ILE B 235 -14.23 14.42 0.64
CA ILE B 235 -14.28 15.30 1.82
C ILE B 235 -15.47 16.26 1.77
N ALA B 236 -15.72 16.83 0.58
CA ALA B 236 -16.86 17.73 0.37
C ALA B 236 -18.18 16.97 0.39
N GLU B 237 -18.13 15.68 0.06
CA GLU B 237 -19.31 14.82 0.07
C GLU B 237 -19.66 14.41 1.50
N ILE B 238 -18.65 14.38 2.38
CA ILE B 238 -18.86 14.14 3.81
C ILE B 238 -19.61 15.32 4.41
N LYS B 239 -19.14 16.53 4.09
CA LYS B 239 -19.76 17.78 4.57
C LYS B 239 -21.24 17.88 4.21
N LYS B 240 -21.62 17.31 3.06
CA LYS B 240 -23.01 17.27 2.64
C LYS B 240 -23.82 16.27 3.48
N MET B 241 -23.21 15.13 3.78
CA MET B 241 -23.83 14.11 4.63
C MET B 241 -23.92 14.57 6.07
N MET B 242 -22.91 15.32 6.52
CA MET B 242 -22.87 15.87 7.88
C MET B 242 -23.94 16.94 8.08
N ALA B 243 -24.23 17.68 7.03
CA ALA B 243 -25.26 18.72 7.06
C ALA B 243 -26.66 18.12 7.07
N THR B 244 -26.83 17.01 6.34
CA THR B 244 -28.12 16.36 6.21
C THR B 244 -28.05 14.85 6.49
N TYR B 245 -28.24 14.49 7.76
CA TYR B 245 -28.38 13.08 8.16
C TYR B 245 -29.39 12.93 9.29
N LYS B 246 -30.05 11.78 9.33
CA LYS B 246 -31.13 11.52 10.27
C LYS B 246 -30.63 11.37 11.71
N GLU B 247 -31.33 12.03 12.64
CA GLU B 247 -31.02 12.00 14.08
C GLU B 247 -29.61 12.51 14.37
N THR C 3 -2.42 -1.57 23.39
CA THR C 3 -2.42 -0.24 22.73
C THR C 3 -3.77 0.10 22.12
N THR C 4 -4.16 1.38 22.19
CA THR C 4 -5.40 1.87 21.59
C THR C 4 -5.11 2.83 20.44
N ALA C 5 -6.16 3.46 19.92
CA ALA C 5 -6.06 4.38 18.79
C ALA C 5 -5.39 5.71 19.14
N LYS C 6 -5.81 6.28 20.27
CA LYS C 6 -5.30 7.59 20.71
C LYS C 6 -3.98 7.51 21.49
N GLU C 7 -3.68 6.33 22.04
CA GLU C 7 -2.45 6.11 22.80
C GLU C 7 -1.21 6.14 21.91
N GLU C 8 -1.37 5.75 20.65
CA GLU C 8 -0.30 5.81 19.67
C GLU C 8 -0.01 7.26 19.29
N MET C 9 -1.05 8.08 19.23
CA MET C 9 -0.94 9.51 18.97
C MET C 9 -0.23 10.23 20.13
N GLU C 10 -0.53 9.82 21.35
CA GLU C 10 0.12 10.36 22.55
C GLU C 10 1.60 10.06 22.58
N ARG C 11 1.96 8.81 22.25
CA ARG C 11 3.36 8.37 22.25
C ARG C 11 4.13 8.86 21.02
N PHE C 12 3.41 9.36 20.02
CA PHE C 12 4.02 9.99 18.85
C PHE C 12 4.65 11.32 19.23
N TRP C 13 3.89 12.16 19.92
CA TRP C 13 4.34 13.50 20.31
C TRP C 13 5.30 13.46 21.50
N ASN C 14 5.15 12.46 22.36
CA ASN C 14 6.01 12.30 23.53
C ASN C 14 7.42 11.77 23.18
N LYS C 15 7.58 11.32 21.93
CA LYS C 15 8.87 10.84 21.45
C LYS C 15 9.61 11.89 20.62
N ASN C 16 8.93 12.46 19.63
CA ASN C 16 9.53 13.41 18.69
C ASN C 16 9.93 14.74 19.33
N LEU C 17 9.10 15.25 20.24
CA LEU C 17 9.38 16.51 20.93
C LEU C 17 10.49 16.37 21.96
N GLY C 18 10.70 15.13 22.44
CA GLY C 18 11.77 14.83 23.38
C GLY C 18 13.06 14.37 22.71
N SER C 19 13.10 14.49 21.38
CA SER C 19 14.27 14.10 20.60
C SER C 19 14.87 15.29 19.84
N ASN C 20 15.79 15.00 18.92
CA ASN C 20 16.42 16.03 18.11
C ASN C 20 16.16 15.84 16.60
N ARG C 21 15.00 15.30 16.28
CA ARG C 21 14.58 15.10 14.89
C ARG C 21 14.14 16.42 14.25
N PRO C 22 14.59 16.68 13.01
CA PRO C 22 14.18 17.90 12.31
C PRO C 22 12.87 17.75 11.56
N LEU C 23 12.18 18.87 11.32
CA LEU C 23 10.98 18.88 10.49
C LEU C 23 11.36 19.03 9.03
N SER C 24 10.84 18.14 8.19
CA SER C 24 11.05 18.20 6.75
C SER C 24 10.44 19.49 6.19
N PRO C 25 11.17 20.17 5.29
CA PRO C 25 10.70 21.44 4.71
C PRO C 25 9.33 21.33 4.06
N HIS C 26 8.52 22.38 4.19
CA HIS C 26 7.15 22.38 3.68
C HIS C 26 6.86 23.54 2.74
N ILE C 27 7.01 24.78 3.22
CA ILE C 27 6.80 25.96 2.39
C ILE C 27 8.03 26.32 1.57
N THR C 28 9.17 25.76 1.97
CA THR C 28 10.47 26.06 1.34
C THR C 28 10.64 25.29 0.03
N ILE C 29 9.99 24.13 -0.07
CA ILE C 29 10.25 23.20 -1.17
C ILE C 29 9.07 22.92 -2.11
N TYR C 30 7.85 23.04 -1.60
CA TYR C 30 6.65 22.69 -2.36
C TYR C 30 6.37 23.69 -3.48
N ARG C 31 5.97 23.15 -4.64
CA ARG C 31 5.74 23.97 -5.83
C ARG C 31 4.44 24.74 -5.76
N TRP C 32 4.49 25.99 -6.21
CA TRP C 32 3.34 26.90 -6.17
C TRP C 32 2.36 26.58 -7.30
N SER C 33 1.11 26.33 -6.93
CA SER C 33 0.05 26.06 -7.90
C SER C 33 -1.10 27.05 -7.77
N LEU C 34 -1.74 27.36 -8.90
CA LEU C 34 -2.80 28.37 -8.96
C LEU C 34 -4.00 28.12 -8.03
N PRO C 35 -4.57 26.88 -8.03
CA PRO C 35 -5.69 26.60 -7.13
C PRO C 35 -5.32 26.74 -5.66
N MET C 36 -4.04 26.51 -5.35
CA MET C 36 -3.52 26.64 -3.98
C MET C 36 -3.18 28.08 -3.65
N ALA C 37 -2.69 28.83 -4.65
CA ALA C 37 -2.34 30.24 -4.48
C ALA C 37 -3.58 31.12 -4.34
N MET C 38 -4.68 30.69 -4.96
CA MET C 38 -5.96 31.40 -4.87
C MET C 38 -6.63 31.21 -3.51
N SER C 39 -6.25 30.15 -2.82
CA SER C 39 -6.76 29.87 -1.48
C SER C 39 -6.13 30.81 -0.45
N ILE C 40 -4.85 31.14 -0.64
CA ILE C 40 -4.12 32.05 0.23
C ILE C 40 -4.63 33.49 0.05
N CYS C 41 -4.91 33.86 -1.20
CA CYS C 41 -5.43 35.20 -1.52
C CYS C 41 -6.85 35.42 -1.03
N HIS C 42 -7.62 34.33 -0.92
CA HIS C 42 -8.99 34.38 -0.41
C HIS C 42 -8.98 34.76 1.07
N ARG C 43 -7.97 34.27 1.79
CA ARG C 43 -7.72 34.65 3.19
C ARG C 43 -7.12 36.04 3.25
N GLY C 44 -6.16 36.32 2.36
CA GLY C 44 -5.51 37.62 2.27
C GLY C 44 -6.50 38.75 2.05
N THR C 45 -7.46 38.53 1.15
CA THR C 45 -8.55 39.47 0.93
C THR C 45 -9.52 39.45 2.11
N GLY C 46 -9.89 38.25 2.54
CA GLY C 46 -10.83 38.05 3.64
C GLY C 46 -10.47 38.80 4.92
N ILE C 47 -9.24 38.59 5.38
CA ILE C 47 -8.75 39.21 6.62
C ILE C 47 -8.64 40.74 6.49
N ALA C 48 -8.07 41.20 5.38
CA ALA C 48 -7.89 42.64 5.13
C ALA C 48 -9.24 43.35 4.91
N LEU C 49 -10.18 42.67 4.28
CA LEU C 49 -11.50 43.21 3.99
C LEU C 49 -12.37 43.28 5.24
N SER C 50 -12.19 42.32 6.14
CA SER C 50 -12.87 42.33 7.44
C SER C 50 -12.25 43.39 8.36
N ALA C 51 -10.96 43.66 8.15
CA ALA C 51 -10.27 44.71 8.89
C ALA C 51 -10.72 46.10 8.43
N GLY C 52 -11.15 46.20 7.18
CA GLY C 52 -11.70 47.44 6.63
C GLY C 52 -13.04 47.79 7.25
N VAL C 53 -13.89 46.78 7.43
CA VAL C 53 -15.19 46.94 8.07
C VAL C 53 -15.03 47.23 9.56
N SER C 54 -14.07 46.56 10.19
CA SER C 54 -13.75 46.76 11.60
C SER C 54 -13.24 48.18 11.86
N LEU C 55 -12.44 48.70 10.94
CA LEU C 55 -11.95 50.08 11.01
C LEU C 55 -13.06 51.10 10.74
N PHE C 56 -14.02 50.72 9.91
CA PHE C 56 -15.15 51.59 9.58
C PHE C 56 -16.13 51.71 10.75
N GLY C 57 -16.35 50.61 11.44
CA GLY C 57 -17.26 50.59 12.59
C GLY C 57 -16.69 51.26 13.83
N LEU C 58 -15.44 50.94 14.14
CA LEU C 58 -14.74 51.48 15.31
C LEU C 58 -14.51 52.99 15.23
N SER C 59 -14.19 53.48 14.03
CA SER C 59 -13.97 54.92 13.81
C SER C 59 -15.26 55.72 13.90
N ALA C 60 -16.35 55.12 13.44
CA ALA C 60 -17.67 55.74 13.50
C ALA C 60 -18.20 55.83 14.94
N LEU C 61 -17.69 54.96 15.80
CA LEU C 61 -18.11 54.90 17.20
C LEU C 61 -17.20 55.73 18.10
N LEU C 62 -15.90 55.72 17.82
CA LEU C 62 -14.91 56.37 18.67
C LEU C 62 -14.58 57.81 18.24
N LEU C 63 -14.28 57.99 16.96
CA LEU C 63 -13.91 59.31 16.43
C LEU C 63 -15.12 60.22 16.25
N PRO C 64 -15.00 61.49 16.69
CA PRO C 64 -16.10 62.47 16.58
C PRO C 64 -16.30 62.98 15.16
N GLY C 65 -17.44 63.63 14.93
CA GLY C 65 -17.78 64.19 13.62
C GLY C 65 -18.60 63.25 12.77
N ASN C 66 -19.50 63.83 11.96
CA ASN C 66 -20.35 63.05 11.07
C ASN C 66 -19.66 62.64 9.77
N PHE C 67 -20.31 61.78 8.99
CA PHE C 67 -19.74 61.24 7.75
C PHE C 67 -19.57 62.31 6.66
N GLU C 68 -20.49 63.26 6.60
CA GLU C 68 -20.46 64.33 5.60
C GLU C 68 -19.28 65.28 5.81
N SER C 69 -18.90 65.49 7.07
CA SER C 69 -17.75 66.32 7.42
C SER C 69 -16.43 65.61 7.11
N HIS C 70 -16.44 64.28 7.19
CA HIS C 70 -15.27 63.46 6.88
C HIS C 70 -14.96 63.41 5.39
N LEU C 71 -16.01 63.55 4.57
CA LEU C 71 -15.86 63.57 3.11
C LEU C 71 -15.19 64.85 2.63
N GLU C 72 -15.43 65.95 3.34
CA GLU C 72 -14.81 67.24 3.04
C GLU C 72 -13.34 67.26 3.44
N LEU C 73 -12.98 66.38 4.38
CA LEU C 73 -11.60 66.24 4.83
C LEU C 73 -10.73 65.53 3.78
N VAL C 74 -11.37 64.67 2.98
CA VAL C 74 -10.70 63.97 1.88
C VAL C 74 -10.41 64.93 0.72
N LYS C 75 -11.27 65.94 0.56
CA LYS C 75 -11.14 66.94 -0.50
C LYS C 75 -9.96 67.90 -0.29
N SER C 76 -9.28 67.77 0.85
CA SER C 76 -8.11 68.57 1.17
C SER C 76 -6.89 68.17 0.33
N LEU C 77 -6.93 66.97 -0.25
CA LEU C 77 -5.87 66.48 -1.13
C LEU C 77 -6.07 66.94 -2.57
N CYS C 78 -7.17 67.66 -2.80
CA CYS C 78 -7.50 68.30 -4.09
C CYS C 78 -7.94 67.35 -5.21
N LEU C 79 -8.39 66.15 -4.83
CA LEU C 79 -9.02 65.17 -5.74
C LEU C 79 -8.30 64.97 -7.09
N GLY C 80 -7.28 64.11 -7.08
CA GLY C 80 -6.57 63.76 -8.30
C GLY C 80 -7.35 62.77 -9.14
N PRO C 81 -7.74 63.15 -10.37
CA PRO C 81 -8.62 62.34 -11.23
C PRO C 81 -8.13 60.91 -11.43
N THR C 82 -6.84 60.75 -11.75
CA THR C 82 -6.24 59.44 -11.96
C THR C 82 -5.88 58.77 -10.62
N LEU C 83 -5.58 59.61 -9.63
CA LEU C 83 -5.18 59.12 -8.30
C LEU C 83 -6.35 58.62 -7.46
N ILE C 84 -7.51 59.27 -7.58
CA ILE C 84 -8.71 58.86 -6.84
C ILE C 84 -9.38 57.64 -7.47
N TYR C 85 -9.07 57.39 -8.75
CA TYR C 85 -9.50 56.19 -9.45
C TYR C 85 -8.76 54.97 -8.88
N THR C 86 -7.47 55.16 -8.59
CA THR C 86 -6.63 54.11 -8.01
C THR C 86 -6.99 53.85 -6.55
N ALA C 87 -7.46 54.89 -5.86
CA ALA C 87 -7.87 54.79 -4.47
C ALA C 87 -9.13 53.93 -4.30
N LYS C 88 -10.09 54.09 -5.21
CA LYS C 88 -11.32 53.31 -5.17
C LYS C 88 -11.12 51.91 -5.77
N PHE C 89 -10.12 51.79 -6.66
CA PHE C 89 -9.77 50.51 -7.28
C PHE C 89 -9.20 49.54 -6.25
N GLY C 90 -8.40 50.06 -5.32
CA GLY C 90 -7.77 49.25 -4.27
C GLY C 90 -8.72 48.79 -3.17
N ILE C 91 -10.00 49.11 -3.32
CA ILE C 91 -11.03 48.70 -2.38
C ILE C 91 -11.96 47.66 -3.02
N VAL C 92 -12.32 47.88 -4.28
CA VAL C 92 -13.16 46.95 -5.03
C VAL C 92 -12.40 45.70 -5.50
N PHE C 93 -11.09 45.82 -5.65
CA PHE C 93 -10.25 44.70 -6.09
C PHE C 93 -10.20 43.55 -5.07
N PRO C 94 -9.93 43.85 -3.79
CA PRO C 94 -9.99 42.79 -2.78
C PRO C 94 -11.42 42.32 -2.50
N LEU C 95 -12.39 43.20 -2.70
CA LEU C 95 -13.80 42.90 -2.46
C LEU C 95 -14.35 41.95 -3.54
N MET C 96 -14.14 42.32 -4.80
CA MET C 96 -14.70 41.56 -5.92
C MET C 96 -13.97 40.24 -6.20
N TYR C 97 -12.70 40.16 -5.82
CA TYR C 97 -11.96 38.90 -5.88
C TYR C 97 -12.57 37.90 -4.90
N HIS C 98 -12.83 38.37 -3.69
CA HIS C 98 -13.41 37.57 -2.62
C HIS C 98 -14.88 37.22 -2.90
N THR C 99 -15.54 38.06 -3.69
CA THR C 99 -16.93 37.83 -4.09
C THR C 99 -17.04 36.67 -5.08
N TRP C 100 -16.30 36.76 -6.19
CA TRP C 100 -16.34 35.73 -7.23
C TRP C 100 -15.78 34.39 -6.77
N ASN C 101 -14.67 34.44 -6.02
CA ASN C 101 -14.05 33.23 -5.47
C ASN C 101 -14.89 32.64 -4.33
N GLY C 102 -15.67 33.50 -3.67
CA GLY C 102 -16.60 33.07 -2.62
C GLY C 102 -17.73 32.22 -3.16
N ILE C 103 -18.19 32.55 -4.37
CA ILE C 103 -19.20 31.77 -5.09
C ILE C 103 -18.60 30.40 -5.48
N ARG C 104 -17.35 30.42 -5.92
CA ARG C 104 -16.63 29.20 -6.31
C ARG C 104 -16.50 28.22 -5.14
N HIS C 105 -16.29 28.77 -3.94
CA HIS C 105 -16.26 27.95 -2.72
C HIS C 105 -17.63 27.37 -2.39
N LEU C 106 -18.68 28.16 -2.66
CA LEU C 106 -20.06 27.71 -2.45
C LEU C 106 -20.48 26.63 -3.45
N ILE C 107 -19.92 26.69 -4.66
CA ILE C 107 -20.12 25.65 -5.67
C ILE C 107 -19.42 24.36 -5.22
N TRP C 108 -18.24 24.51 -4.62
CA TRP C 108 -17.48 23.38 -4.08
C TRP C 108 -18.20 22.69 -2.92
N ASP C 109 -18.92 23.49 -2.12
CA ASP C 109 -19.69 22.98 -0.99
C ASP C 109 -20.85 22.09 -1.46
N LEU C 110 -21.40 22.41 -2.64
CA LEU C 110 -22.40 21.57 -3.28
C LEU C 110 -21.77 20.31 -3.90
N GLY C 111 -20.47 20.38 -4.16
CA GLY C 111 -19.71 19.23 -4.67
C GLY C 111 -19.39 19.29 -6.15
N LYS C 112 -19.87 20.33 -6.82
CA LYS C 112 -19.69 20.48 -8.27
C LYS C 112 -18.31 21.03 -8.63
N GLY C 113 -17.69 20.42 -9.64
CA GLY C 113 -16.42 20.87 -10.20
C GLY C 113 -15.25 20.82 -9.23
N LEU C 114 -14.97 19.62 -8.72
CA LEU C 114 -13.86 19.43 -7.78
C LEU C 114 -12.65 18.72 -8.40
N THR C 115 -12.76 18.40 -9.69
CA THR C 115 -11.66 17.77 -10.43
C THR C 115 -10.59 18.80 -10.79
N ILE C 116 -9.35 18.33 -10.94
CA ILE C 116 -8.19 19.19 -11.22
C ILE C 116 -8.34 20.12 -12.44
N PRO C 117 -8.79 19.58 -13.60
CA PRO C 117 -8.99 20.47 -14.75
C PRO C 117 -10.05 21.55 -14.51
N GLN C 118 -11.11 21.18 -13.80
CA GLN C 118 -12.22 22.11 -13.51
C GLN C 118 -11.86 23.16 -12.46
N LEU C 119 -10.83 22.88 -11.66
CA LEU C 119 -10.30 23.82 -10.69
C LEU C 119 -9.58 24.98 -11.37
N THR C 120 -8.78 24.65 -12.38
CA THR C 120 -8.03 25.64 -13.15
C THR C 120 -8.94 26.42 -14.09
N GLN C 121 -9.94 25.74 -14.64
CA GLN C 121 -10.93 26.37 -15.53
C GLN C 121 -11.77 27.42 -14.81
N SER C 122 -12.33 27.04 -13.65
CA SER C 122 -13.13 27.96 -12.84
C SER C 122 -12.28 29.00 -12.13
N GLY C 123 -11.00 28.69 -11.93
CA GLY C 123 -10.05 29.61 -11.30
C GLY C 123 -9.73 30.82 -12.16
N VAL C 124 -9.52 30.59 -13.45
CA VAL C 124 -9.26 31.66 -14.42
C VAL C 124 -10.52 32.51 -14.64
N VAL C 125 -11.69 31.86 -14.63
CA VAL C 125 -12.97 32.55 -14.73
C VAL C 125 -13.14 33.58 -13.62
N VAL C 126 -12.81 33.18 -12.39
CA VAL C 126 -12.87 34.07 -11.22
C VAL C 126 -11.81 35.17 -11.32
N LEU C 127 -10.60 34.80 -11.75
CA LEU C 127 -9.49 35.75 -11.87
C LEU C 127 -9.76 36.83 -12.92
N ILE C 128 -10.42 36.46 -14.01
CA ILE C 128 -10.79 37.40 -15.07
C ILE C 128 -11.98 38.27 -14.64
N LEU C 129 -13.00 37.65 -14.05
CA LEU C 129 -14.16 38.37 -13.52
C LEU C 129 -13.78 39.40 -12.47
N THR C 130 -12.71 39.10 -11.72
CA THR C 130 -12.14 40.02 -10.73
C THR C 130 -11.69 41.32 -11.39
N VAL C 131 -10.92 41.20 -12.47
CA VAL C 131 -10.39 42.37 -13.19
C VAL C 131 -11.51 43.22 -13.79
N LEU C 132 -12.51 42.56 -14.40
CA LEU C 132 -13.61 43.25 -15.06
C LEU C 132 -14.55 43.96 -14.08
N SER C 133 -14.84 43.32 -12.95
CA SER C 133 -15.71 43.91 -11.93
C SER C 133 -15.00 44.98 -11.11
N SER C 134 -13.67 44.89 -11.02
CA SER C 134 -12.87 45.88 -10.30
C SER C 134 -12.71 47.17 -11.10
N VAL C 135 -12.48 47.04 -12.41
CA VAL C 135 -12.34 48.18 -13.30
C VAL C 135 -13.72 48.79 -13.61
N GLY C 136 -14.71 47.92 -13.81
CA GLY C 136 -16.07 48.34 -14.15
C GLY C 136 -16.75 49.17 -13.08
N LEU C 137 -16.61 48.75 -11.82
CA LEU C 137 -17.23 49.45 -10.69
C LEU C 137 -16.40 50.64 -10.17
N ALA C 138 -15.15 50.72 -10.61
CA ALA C 138 -14.30 51.87 -10.28
C ALA C 138 -14.68 53.10 -11.10
N ALA C 139 -15.25 52.87 -12.28
CA ALA C 139 -15.67 53.95 -13.18
C ALA C 139 -17.19 54.19 -13.08
N MET C 140 -17.64 54.60 -11.90
CA MET C 140 -19.05 54.91 -11.65
C MET C 140 -19.21 56.18 -10.84
N SER D 2 -25.30 11.53 20.17
CA SER D 2 -24.27 12.59 19.99
C SER D 2 -24.90 13.85 19.38
N SER D 3 -24.64 14.99 20.01
CA SER D 3 -25.16 16.27 19.56
C SER D 3 -24.32 16.82 18.39
N LYS D 4 -25.01 17.25 17.32
CA LYS D 4 -24.35 17.82 16.16
C LYS D 4 -24.32 19.34 16.19
N ALA D 5 -23.20 19.89 16.67
CA ALA D 5 -23.03 21.34 16.80
C ALA D 5 -22.08 21.90 15.75
N ALA D 6 -21.04 21.13 15.42
CA ALA D 6 -20.04 21.53 14.42
C ALA D 6 -20.60 21.56 13.01
N SER D 7 -21.58 20.70 12.74
CA SER D 7 -22.22 20.63 11.42
C SER D 7 -23.20 21.79 11.20
N LEU D 8 -23.89 22.20 12.26
CA LEU D 8 -24.82 23.32 12.20
C LEU D 8 -24.11 24.66 12.06
N HIS D 9 -22.92 24.76 12.65
CA HIS D 9 -22.08 25.95 12.53
C HIS D 9 -21.57 26.12 11.11
N TRP D 10 -21.25 25.00 10.46
CA TRP D 10 -20.78 24.99 9.08
C TRP D 10 -21.86 25.50 8.12
N THR D 11 -23.07 24.97 8.27
CA THR D 11 -24.22 25.39 7.45
C THR D 11 -24.60 26.83 7.71
N GLY D 12 -24.45 27.27 8.96
CA GLY D 12 -24.70 28.66 9.35
C GLY D 12 -23.78 29.64 8.65
N GLU D 13 -22.54 29.21 8.40
CA GLU D 13 -21.56 29.99 7.64
C GLU D 13 -21.94 30.09 6.16
N ARG D 14 -22.60 29.04 5.65
CA ARG D 14 -23.05 29.00 4.26
C ARG D 14 -24.37 29.74 4.06
N VAL D 15 -25.18 29.78 5.13
CA VAL D 15 -26.44 30.51 5.12
C VAL D 15 -26.20 32.02 5.01
N VAL D 16 -25.26 32.54 5.79
CA VAL D 16 -24.89 33.95 5.74
C VAL D 16 -24.09 34.29 4.48
N SER D 17 -23.44 33.29 3.89
CA SER D 17 -22.67 33.47 2.66
C SER D 17 -23.57 33.77 1.46
N VAL D 18 -24.66 33.01 1.34
CA VAL D 18 -25.65 33.24 0.28
C VAL D 18 -26.56 34.43 0.61
N LEU D 19 -26.64 34.77 1.90
CA LEU D 19 -27.40 35.92 2.35
C LEU D 19 -26.64 37.22 2.05
N LEU D 20 -25.34 37.22 2.30
CA LEU D 20 -24.48 38.38 2.03
C LEU D 20 -24.26 38.58 0.53
N LEU D 21 -24.29 37.49 -0.22
CA LEU D 21 -24.20 37.55 -1.69
C LEU D 21 -25.50 38.06 -2.29
N GLY D 22 -26.62 37.76 -1.62
CA GLY D 22 -27.94 38.21 -2.07
C GLY D 22 -28.27 39.64 -1.68
N LEU D 23 -27.48 40.20 -0.77
CA LEU D 23 -27.71 41.56 -0.27
C LEU D 23 -26.96 42.63 -1.06
N LEU D 24 -25.83 42.28 -1.65
CA LEU D 24 -25.01 43.23 -2.42
C LEU D 24 -25.73 43.83 -3.64
N PRO D 25 -26.42 43.00 -4.44
CA PRO D 25 -27.25 43.59 -5.49
C PRO D 25 -28.53 44.20 -4.94
N ALA D 26 -28.98 43.72 -3.78
CA ALA D 26 -30.19 44.22 -3.14
C ALA D 26 -30.00 45.62 -2.55
N ALA D 27 -28.78 45.90 -2.09
CA ALA D 27 -28.43 47.20 -1.54
C ALA D 27 -28.26 48.26 -2.64
N TYR D 28 -27.84 47.80 -3.82
CA TYR D 28 -27.69 48.67 -4.98
C TYR D 28 -29.04 49.00 -5.60
N LEU D 29 -29.86 47.96 -5.82
CA LEU D 29 -31.18 48.13 -6.43
C LEU D 29 -32.20 48.74 -5.46
N ASN D 30 -32.17 48.30 -4.21
CA ASN D 30 -33.09 48.80 -3.20
C ASN D 30 -32.36 49.34 -1.96
N PRO D 31 -31.89 50.61 -2.04
CA PRO D 31 -31.19 51.22 -0.91
C PRO D 31 -32.16 51.89 0.08
N CYS D 32 -32.33 51.28 1.24
CA CYS D 32 -33.24 51.80 2.26
C CYS D 32 -32.68 51.63 3.67
N SER D 33 -33.38 52.18 4.66
CA SER D 33 -32.99 52.11 6.07
C SER D 33 -32.98 50.67 6.58
N ALA D 34 -33.93 49.86 6.10
CA ALA D 34 -34.03 48.45 6.46
C ALA D 34 -32.89 47.62 5.87
N MET D 35 -32.42 48.03 4.68
CA MET D 35 -31.32 47.37 4.00
C MET D 35 -29.98 47.65 4.68
N ASP D 36 -29.90 48.79 5.37
CA ASP D 36 -28.70 49.19 6.08
C ASP D 36 -28.37 48.25 7.24
N TYR D 37 -29.39 47.82 7.96
CA TYR D 37 -29.21 46.94 9.13
C TYR D 37 -28.99 45.49 8.75
N SER D 38 -29.71 45.01 7.73
CA SER D 38 -29.58 43.64 7.24
C SER D 38 -28.22 43.39 6.62
N LEU D 39 -27.66 44.42 6.00
CA LEU D 39 -26.31 44.35 5.42
C LEU D 39 -25.24 44.43 6.52
N ALA D 40 -25.55 45.16 7.59
CA ALA D 40 -24.64 45.28 8.73
C ALA D 40 -24.64 44.03 9.60
N ALA D 41 -25.81 43.40 9.75
CA ALA D 41 -25.95 42.18 10.53
C ALA D 41 -25.29 40.98 9.88
N ALA D 42 -25.30 40.98 8.54
CA ALA D 42 -24.69 39.89 7.77
C ALA D 42 -23.19 40.09 7.57
N LEU D 43 -22.77 41.35 7.49
CA LEU D 43 -21.36 41.71 7.24
C LEU D 43 -20.48 41.45 8.46
N THR D 44 -21.04 41.64 9.65
CA THR D 44 -20.30 41.46 10.90
C THR D 44 -20.31 40.01 11.40
N LEU D 45 -21.39 39.29 11.12
CA LEU D 45 -21.52 37.89 11.53
C LEU D 45 -20.62 36.99 10.69
N HIS D 46 -20.63 37.20 9.37
CA HIS D 46 -19.79 36.46 8.44
C HIS D 46 -18.31 36.66 8.73
N GLY D 47 -17.94 37.90 9.05
CA GLY D 47 -16.57 38.24 9.41
C GLY D 47 -16.13 37.62 10.72
N HIS D 48 -17.05 37.56 11.69
CA HIS D 48 -16.79 37.00 13.01
C HIS D 48 -16.51 35.49 12.94
N TRP D 49 -17.29 34.79 12.13
CA TRP D 49 -17.05 33.37 11.86
C TRP D 49 -15.88 33.16 10.89
N GLY D 50 -15.59 34.20 10.11
CA GLY D 50 -14.47 34.19 9.17
C GLY D 50 -13.13 34.18 9.88
N ILE D 51 -12.91 35.19 10.73
CA ILE D 51 -11.70 35.28 11.56
C ILE D 51 -11.70 34.19 12.63
N GLY D 52 -12.89 33.75 13.02
CA GLY D 52 -13.05 32.62 13.93
C GLY D 52 -12.39 31.36 13.39
N GLN D 53 -12.45 31.18 12.07
CA GLN D 53 -11.79 30.07 11.39
C GLN D 53 -10.27 30.25 11.33
N VAL D 54 -9.83 31.50 11.31
CA VAL D 54 -8.39 31.83 11.27
C VAL D 54 -7.73 31.52 12.62
N VAL D 55 -8.41 31.88 13.71
CA VAL D 55 -7.92 31.65 15.07
C VAL D 55 -7.78 30.16 15.37
N THR D 56 -8.75 29.37 14.92
CA THR D 56 -8.72 27.91 15.13
C THR D 56 -7.58 27.23 14.36
N ASP D 57 -7.17 27.86 13.26
CA ASP D 57 -6.10 27.32 12.41
C ASP D 57 -4.71 27.59 12.97
N TYR D 58 -4.40 28.87 13.21
CA TYR D 58 -3.03 29.28 13.52
C TYR D 58 -2.73 29.43 15.01
N VAL D 59 -3.68 30.00 15.76
CA VAL D 59 -3.46 30.28 17.19
C VAL D 59 -3.37 28.99 18.00
N ARG D 60 -2.14 28.66 18.40
CA ARG D 60 -1.85 27.43 19.14
C ARG D 60 -1.90 27.65 20.64
N GLY D 61 -2.38 26.64 21.37
CA GLY D 61 -2.39 26.67 22.83
C GLY D 61 -3.77 26.67 23.46
N ASP D 62 -3.80 26.34 24.75
CA ASP D 62 -5.03 26.30 25.53
C ASP D 62 -5.39 27.68 26.08
N ALA D 63 -4.37 28.46 26.43
CA ALA D 63 -4.57 29.79 26.99
C ALA D 63 -4.67 30.89 25.92
N LEU D 64 -3.97 30.70 24.80
CA LEU D 64 -3.93 31.68 23.72
C LEU D 64 -5.20 31.72 22.88
N GLN D 65 -5.74 30.54 22.55
CA GLN D 65 -6.94 30.45 21.71
C GLN D 65 -8.17 31.04 22.39
N LYS D 66 -8.32 30.80 23.69
CA LYS D 66 -9.43 31.34 24.48
C LYS D 66 -9.31 32.86 24.65
N ALA D 67 -8.08 33.36 24.72
CA ALA D 67 -7.82 34.79 24.82
C ALA D 67 -8.08 35.50 23.49
N ALA D 68 -7.81 34.81 22.38
CA ALA D 68 -8.03 35.35 21.04
C ALA D 68 -9.51 35.35 20.66
N LYS D 69 -10.23 34.31 21.09
CA LYS D 69 -11.66 34.19 20.85
C LYS D 69 -12.47 35.23 21.65
N ALA D 70 -11.99 35.53 22.85
CA ALA D 70 -12.59 36.56 23.70
C ALA D 70 -12.30 37.96 23.15
N GLY D 71 -11.13 38.13 22.55
CA GLY D 71 -10.73 39.38 21.93
C GLY D 71 -11.46 39.65 20.63
N LEU D 72 -11.70 38.59 19.87
CA LEU D 72 -12.44 38.69 18.61
C LEU D 72 -13.93 38.95 18.84
N LEU D 73 -14.47 38.39 19.93
CA LEU D 73 -15.86 38.60 20.31
C LEU D 73 -16.12 40.07 20.67
N ALA D 74 -15.14 40.68 21.34
CA ALA D 74 -15.22 42.09 21.72
C ALA D 74 -15.04 43.00 20.50
N LEU D 75 -14.19 42.57 19.57
CA LEU D 75 -13.93 43.32 18.34
C LEU D 75 -15.15 43.30 17.41
N SER D 76 -15.83 42.15 17.36
CA SER D 76 -17.03 41.99 16.53
C SER D 76 -18.22 42.75 17.11
N ALA D 77 -18.34 42.75 18.43
CA ALA D 77 -19.42 43.46 19.13
C ALA D 77 -19.32 44.96 18.94
N PHE D 78 -18.09 45.49 18.97
CA PHE D 78 -17.83 46.91 18.74
C PHE D 78 -18.04 47.31 17.27
N THR D 79 -17.85 46.35 16.37
CA THR D 79 -18.04 46.58 14.93
C THR D 79 -19.52 46.66 14.58
N PHE D 80 -20.32 45.75 15.14
CA PHE D 80 -21.76 45.72 14.88
C PHE D 80 -22.50 46.89 15.53
N ALA D 81 -22.06 47.27 16.72
CA ALA D 81 -22.65 48.41 17.44
C ALA D 81 -22.32 49.74 16.76
N GLY D 82 -21.15 49.80 16.14
CA GLY D 82 -20.71 50.99 15.41
C GLY D 82 -21.49 51.22 14.13
N LEU D 83 -21.76 50.14 13.40
CA LEU D 83 -22.49 50.20 12.15
C LEU D 83 -23.97 50.52 12.34
N CYS D 84 -24.56 49.98 13.41
CA CYS D 84 -25.94 50.28 13.78
C CYS D 84 -26.09 51.75 14.19
N TYR D 85 -25.07 52.26 14.88
CA TYR D 85 -25.00 53.68 15.25
C TYR D 85 -24.82 54.55 14.00
N PHE D 86 -24.10 54.01 13.02
CA PHE D 86 -23.88 54.70 11.74
C PHE D 86 -25.14 54.69 10.87
N ASN D 87 -25.99 53.69 11.07
CA ASN D 87 -27.26 53.58 10.34
C ASN D 87 -28.37 54.43 10.94
N TYR D 88 -28.37 54.56 12.27
CA TYR D 88 -29.42 55.28 12.99
C TYR D 88 -29.17 56.78 13.04
N HIS D 89 -28.01 57.18 13.55
CA HIS D 89 -27.69 58.59 13.77
C HIS D 89 -27.02 59.28 12.59
N ASP D 90 -26.37 58.50 11.73
CA ASP D 90 -25.69 59.05 10.56
C ASP D 90 -26.40 58.69 9.24
N VAL D 91 -25.65 58.73 8.14
CA VAL D 91 -26.21 58.56 6.79
C VAL D 91 -26.75 57.15 6.53
N GLY D 92 -25.95 56.13 6.86
CA GLY D 92 -26.33 54.74 6.61
C GLY D 92 -25.57 54.18 5.41
N ILE D 93 -24.95 53.01 5.60
CA ILE D 93 -24.02 52.42 4.63
C ILE D 93 -24.48 52.37 3.16
N CYS D 94 -25.79 52.22 2.93
CA CYS D 94 -26.35 52.21 1.58
C CYS D 94 -26.20 53.57 0.89
N LYS D 95 -26.52 54.64 1.62
CA LYS D 95 -26.42 56.00 1.10
C LYS D 95 -25.01 56.58 1.29
N ALA D 96 -24.30 56.09 2.32
CA ALA D 96 -22.96 56.56 2.64
C ALA D 96 -21.92 56.15 1.60
N VAL D 97 -22.02 54.90 1.12
CA VAL D 97 -21.12 54.41 0.08
C VAL D 97 -21.43 55.06 -1.27
N ALA D 98 -22.68 55.50 -1.44
CA ALA D 98 -23.13 56.18 -2.65
C ALA D 98 -22.54 57.59 -2.76
N MET D 99 -22.35 58.24 -1.62
CA MET D 99 -21.73 59.56 -1.57
C MET D 99 -20.23 59.47 -1.88
N LEU D 100 -19.60 58.38 -1.42
CA LEU D 100 -18.19 58.12 -1.67
C LEU D 100 -17.96 57.65 -3.11
N TRP D 101 -19.00 57.12 -3.73
CA TRP D 101 -18.90 56.53 -5.07
C TRP D 101 -18.77 57.60 -6.16
N LYS D 102 -19.59 58.64 -6.08
CA LYS D 102 -19.51 59.77 -7.01
C LYS D 102 -18.65 60.90 -6.42
N LEU D 103 -17.36 60.59 -6.24
CA LEU D 103 -16.41 61.51 -5.62
C LEU D 103 -15.06 61.44 -6.32
#